data_3M07
#
_entry.id   3M07
#
_cell.length_a   174.048
_cell.length_b   51.534
_cell.length_c   57.014
_cell.angle_alpha   90.00
_cell.angle_beta   101.18
_cell.angle_gamma   90.00
#
_symmetry.space_group_name_H-M   'C 1 2 1'
#
loop_
_entity.id
_entity.type
_entity.pdbx_description
1 polymer 'Putative alpha amylase'
2 non-polymer 'MAGNESIUM ION'
3 non-polymer 'CHLORIDE ION'
4 non-polymer 2-[BIS-(2-HYDROXY-ETHYL)-AMINO]-2-HYDROXYMETHYL-PROPANE-1,3-DIOL
5 non-polymer 'TETRAETHYLENE GLYCOL'
6 non-polymer 'TRIETHYLENE GLYCOL'
7 water water
#
_entity_poly.entity_id   1
_entity_poly.type   'polypeptide(L)'
_entity_poly.pdbx_seq_one_letter_code
;MHHHHHHSSGVDLGTENLYFQSNAMSSKIFCKSWGAEYIAADVVRFRLWATGQQKVMLRLAGKDQEMQANGDGWFTLDVA
GVTPGTEYNFVLSDGMVVPDPASRAQKTDVNGPSYVVDPGSYTWRNTGWKGSRWEQAVVYEMHTGTFTPEGTFRAAIAKL
PYLAELGVTVIEVMPVAQFGGERGWGYDGVLLYAPHSAYGTPDDFKAFIDAAHGYGLSVVLDIVLNHFGPEGNYLPLLAP
AFFHKERMTPWGNGIAYDVDAVRRYIIEAPLYWLTEYHLDGLRFDAIDQIEDSSARHVLVEIAQRIREDITDRPIHLTTE
DSRNIISLHPRDQDGNAPLFTAEWNDDFHNAVHVFATGETQAYYNDFADAPEKHLARALAEGFAYQGEISPQTGEPRGVK
STGQPPVAFVDFIQNHDQVGNRAQGDRLITLAGAERTKVLLATLLLSPHIPLLFMGEEYGESRPFLFFTDFHGDLARAVR
EGRAKEFADHAGENVPDPNAPETFQRSKLNWKQQHSEEGKAWLAFTRELLLLRQKHIVPLLSAARESSGTVLQTAPGFIA
VSWRFPGGTLSLALNISATTVLLPDLPGKTLFAWPNESTGSLSQHSLIVRLAQGESAS
;
_entity_poly.pdbx_strand_id   A
#
loop_
_chem_comp.id
_chem_comp.type
_chem_comp.name
_chem_comp.formula
BTB non-polymer 2-[BIS-(2-HYDROXY-ETHYL)-AMINO]-2-HYDROXYMETHYL-PROPANE-1,3-DIOL 'C8 H19 N O5'
CL non-polymer 'CHLORIDE ION' 'Cl -1'
MG non-polymer 'MAGNESIUM ION' 'Mg 2'
PG4 non-polymer 'TETRAETHYLENE GLYCOL' 'C8 H18 O5'
PGE non-polymer 'TRIETHYLENE GLYCOL' 'C6 H14 O4'
#
# COMPACT_ATOMS: atom_id res chain seq x y z
N PHE A 30 -8.10 3.07 -21.36
CA PHE A 30 -6.88 3.95 -21.41
C PHE A 30 -5.94 3.59 -22.57
N CYS A 31 -5.44 4.60 -23.29
CA CYS A 31 -4.55 4.40 -24.44
C CYS A 31 -3.03 4.35 -24.10
N LYS A 32 -2.38 3.23 -24.38
N LYS A 32 -2.43 3.22 -24.49
CA LYS A 32 -0.96 3.08 -24.02
CA LYS A 32 -1.02 2.85 -24.24
C LYS A 32 0.02 2.82 -25.19
C LYS A 32 0.01 3.05 -25.37
N SER A 33 1.26 3.31 -24.99
CA SER A 33 2.41 3.22 -25.93
C SER A 33 2.81 1.77 -26.16
N TRP A 34 2.69 0.95 -25.12
CA TRP A 34 3.04 -0.44 -25.19
C TRP A 34 1.79 -1.31 -25.14
N GLY A 35 1.86 -2.53 -25.62
CA GLY A 35 0.76 -3.47 -25.47
C GLY A 35 -0.15 -3.61 -26.68
N ALA A 36 -1.34 -4.18 -26.42
CA ALA A 36 -2.32 -4.50 -27.46
C ALA A 36 -3.59 -3.75 -27.18
N GLU A 37 -3.93 -2.85 -28.10
CA GLU A 37 -5.06 -2.00 -27.96
C GLU A 37 -5.93 -1.91 -29.20
N TYR A 38 -7.22 -1.80 -28.98
CA TYR A 38 -8.15 -1.52 -30.09
C TYR A 38 -7.94 -0.09 -30.59
N ILE A 39 -7.56 0.05 -31.85
CA ILE A 39 -7.42 1.39 -32.48
C ILE A 39 -8.63 1.70 -33.35
N ALA A 40 -9.54 0.73 -33.43
CA ALA A 40 -10.80 0.87 -34.16
C ALA A 40 -11.70 -0.19 -33.55
N ALA A 41 -12.97 -0.22 -33.95
CA ALA A 41 -13.90 -1.21 -33.43
C ALA A 41 -13.46 -2.63 -33.78
N ASP A 42 -12.68 -2.76 -34.85
CA ASP A 42 -12.31 -4.03 -35.43
C ASP A 42 -10.82 -4.26 -35.69
N VAL A 43 -9.96 -3.41 -35.12
CA VAL A 43 -8.52 -3.51 -35.38
C VAL A 43 -7.74 -3.38 -34.08
N VAL A 44 -6.86 -4.33 -33.82
CA VAL A 44 -5.95 -4.26 -32.65
C VAL A 44 -4.55 -3.94 -33.12
N ARG A 45 -3.93 -2.94 -32.47
CA ARG A 45 -2.56 -2.58 -32.68
C ARG A 45 -1.75 -3.23 -31.57
N PHE A 46 -0.72 -3.97 -31.96
CA PHE A 46 0.21 -4.61 -31.04
C PHE A 46 1.50 -3.86 -31.15
N ARG A 47 2.05 -3.43 -30.01
N ARG A 47 2.02 -3.39 -30.02
CA ARG A 47 3.27 -2.61 -29.95
CA ARG A 47 3.31 -2.73 -30.02
C ARG A 47 4.24 -3.11 -28.89
C ARG A 47 4.22 -3.41 -29.03
N LEU A 48 5.51 -3.16 -29.23
CA LEU A 48 6.55 -3.68 -28.37
C LEU A 48 7.82 -2.83 -28.63
N TRP A 49 8.58 -2.51 -27.59
CA TRP A 49 9.91 -1.90 -27.76
C TRP A 49 10.94 -2.98 -27.45
N ALA A 50 11.82 -3.25 -28.41
CA ALA A 50 12.76 -4.35 -28.28
C ALA A 50 14.10 -4.02 -28.97
N THR A 51 14.90 -3.16 -28.32
CA THR A 51 16.18 -2.69 -28.85
C THR A 51 17.22 -3.78 -28.97
N GLY A 52 17.06 -4.83 -28.17
CA GLY A 52 17.97 -5.97 -28.25
C GLY A 52 17.65 -6.93 -29.38
N GLN A 53 16.59 -6.63 -30.15
CA GLN A 53 16.13 -7.55 -31.20
C GLN A 53 16.17 -6.92 -32.60
N GLN A 54 16.53 -7.75 -33.59
CA GLN A 54 16.61 -7.32 -34.98
C GLN A 54 15.22 -7.49 -35.62
N LYS A 55 14.52 -8.54 -35.22
CA LYS A 55 13.15 -8.78 -35.68
C LYS A 55 12.31 -9.40 -34.55
N VAL A 56 11.00 -9.15 -34.59
CA VAL A 56 10.04 -9.77 -33.67
C VAL A 56 8.80 -10.26 -34.45
N MET A 57 8.27 -11.42 -34.10
CA MET A 57 7.03 -11.89 -34.68
C MET A 57 5.90 -11.80 -33.65
N LEU A 58 4.69 -11.57 -34.13
CA LEU A 58 3.47 -11.70 -33.31
C LEU A 58 2.91 -13.11 -33.56
N ARG A 59 2.77 -13.93 -32.53
CA ARG A 59 2.11 -15.24 -32.64
C ARG A 59 0.65 -15.05 -32.18
N LEU A 60 -0.29 -15.04 -33.12
CA LEU A 60 -1.68 -14.73 -32.76
C LEU A 60 -2.52 -15.98 -32.94
N ALA A 61 -3.17 -16.43 -31.87
CA ALA A 61 -3.91 -17.69 -31.89
C ALA A 61 -3.07 -18.77 -32.63
N GLY A 62 -1.80 -18.90 -32.26
CA GLY A 62 -0.90 -19.91 -32.81
C GLY A 62 -0.26 -19.67 -34.18
N LYS A 63 -0.65 -18.59 -34.86
CA LYS A 63 -0.14 -18.28 -36.20
C LYS A 63 0.78 -17.03 -36.20
N ASP A 64 1.95 -17.14 -36.83
N ASP A 64 1.94 -17.14 -36.83
CA ASP A 64 3.01 -16.11 -36.80
CA ASP A 64 2.91 -16.04 -36.86
C ASP A 64 3.02 -15.06 -37.92
C ASP A 64 2.65 -14.97 -37.91
N GLN A 65 2.94 -13.79 -37.53
N GLN A 65 3.08 -13.76 -37.57
CA GLN A 65 3.03 -12.66 -38.46
CA GLN A 65 2.98 -12.60 -38.44
C GLN A 65 4.19 -11.76 -38.03
C GLN A 65 4.14 -11.68 -38.05
N GLU A 66 4.95 -11.28 -39.02
CA GLU A 66 6.10 -10.43 -38.75
C GLU A 66 5.68 -9.00 -38.41
N MET A 67 6.30 -8.45 -37.37
CA MET A 67 5.99 -7.08 -36.96
C MET A 67 6.92 -6.12 -37.69
N GLN A 68 6.42 -4.91 -37.92
CA GLN A 68 7.21 -3.88 -38.61
C GLN A 68 8.08 -3.09 -37.65
N ALA A 69 9.39 -3.06 -37.92
CA ALA A 69 10.31 -2.26 -37.13
C ALA A 69 10.10 -0.84 -37.59
N ASN A 70 9.56 0.03 -36.73
CA ASN A 70 9.24 1.41 -37.12
C ASN A 70 10.04 2.50 -36.39
N GLY A 71 11.32 2.26 -36.24
CA GLY A 71 12.23 3.24 -35.66
C GLY A 71 12.40 3.22 -34.14
N ASP A 72 13.65 3.44 -33.73
CA ASP A 72 14.02 3.55 -32.32
C ASP A 72 13.77 2.28 -31.49
N GLY A 73 13.76 1.11 -32.14
CA GLY A 73 13.57 -0.16 -31.43
C GLY A 73 12.12 -0.59 -31.28
N TRP A 74 11.20 0.24 -31.74
CA TRP A 74 9.78 -0.08 -31.69
C TRP A 74 9.38 -1.02 -32.81
N PHE A 75 8.50 -1.96 -32.51
CA PHE A 75 7.89 -2.84 -33.48
C PHE A 75 6.40 -2.71 -33.31
N THR A 76 5.67 -2.70 -34.41
CA THR A 76 4.24 -2.52 -34.39
C THR A 76 3.58 -3.41 -35.43
N LEU A 77 2.34 -3.83 -35.17
CA LEU A 77 1.55 -4.58 -36.14
C LEU A 77 0.08 -4.38 -35.85
N ASP A 78 -0.68 -3.99 -36.88
CA ASP A 78 -2.10 -3.84 -36.79
C ASP A 78 -2.72 -5.10 -37.37
N VAL A 79 -3.69 -5.66 -36.65
CA VAL A 79 -4.38 -6.88 -37.10
C VAL A 79 -5.88 -6.66 -37.03
N ALA A 80 -6.53 -6.81 -38.19
CA ALA A 80 -7.96 -6.69 -38.29
C ALA A 80 -8.67 -7.94 -37.83
N GLY A 81 -9.85 -7.73 -37.25
CA GLY A 81 -10.79 -8.77 -36.87
C GLY A 81 -10.62 -9.42 -35.51
N VAL A 82 -9.52 -9.12 -34.83
CA VAL A 82 -9.16 -9.80 -33.57
C VAL A 82 -10.22 -9.61 -32.47
N THR A 83 -10.74 -10.71 -31.96
CA THR A 83 -11.76 -10.67 -30.92
C THR A 83 -11.15 -10.68 -29.51
N PRO A 84 -11.90 -10.12 -28.56
CA PRO A 84 -11.39 -10.16 -27.19
C PRO A 84 -11.22 -11.62 -26.74
N GLY A 85 -10.17 -11.91 -25.98
CA GLY A 85 -9.88 -13.23 -25.51
C GLY A 85 -8.93 -14.01 -26.40
N THR A 86 -8.61 -13.45 -27.57
CA THR A 86 -7.66 -14.06 -28.46
C THR A 86 -6.28 -14.06 -27.80
N GLU A 87 -5.65 -15.22 -27.81
N GLU A 87 -5.66 -15.24 -27.73
CA GLU A 87 -4.33 -15.41 -27.24
CA GLU A 87 -4.36 -15.39 -27.11
C GLU A 87 -3.24 -14.92 -28.16
C GLU A 87 -3.23 -15.07 -28.09
N TYR A 88 -2.15 -14.47 -27.58
CA TYR A 88 -1.01 -14.07 -28.35
C TYR A 88 0.28 -14.05 -27.51
N ASN A 89 1.40 -14.06 -28.20
CA ASN A 89 2.72 -13.96 -27.64
C ASN A 89 3.58 -13.26 -28.67
N PHE A 90 4.76 -12.81 -28.27
CA PHE A 90 5.76 -12.29 -29.19
C PHE A 90 6.85 -13.38 -29.34
N VAL A 91 7.45 -13.43 -30.52
CA VAL A 91 8.49 -14.44 -30.77
C VAL A 91 9.75 -13.70 -31.22
N LEU A 92 10.85 -13.96 -30.53
CA LEU A 92 12.09 -13.23 -30.77
C LEU A 92 12.89 -13.78 -31.93
N SER A 93 13.82 -12.96 -32.43
CA SER A 93 14.70 -13.32 -33.55
C SER A 93 15.12 -14.78 -33.53
N ASP A 94 15.49 -15.27 -32.34
CA ASP A 94 15.95 -16.66 -32.16
C ASP A 94 14.87 -17.73 -32.09
N GLY A 95 13.64 -17.35 -31.71
CA GLY A 95 12.54 -18.32 -31.55
C GLY A 95 11.95 -18.36 -30.13
N MET A 96 12.52 -17.55 -29.23
CA MET A 96 12.02 -17.47 -27.88
C MET A 96 10.61 -16.86 -27.90
N VAL A 97 9.69 -17.53 -27.21
CA VAL A 97 8.30 -17.09 -27.12
C VAL A 97 8.09 -16.40 -25.75
N VAL A 98 7.62 -15.16 -25.76
CA VAL A 98 7.46 -14.40 -24.52
C VAL A 98 6.05 -13.79 -24.39
N PRO A 99 5.58 -13.59 -23.15
CA PRO A 99 4.34 -12.85 -22.91
C PRO A 99 4.53 -11.41 -23.36
N ASP A 100 3.43 -10.71 -23.55
CA ASP A 100 3.50 -9.28 -23.79
C ASP A 100 3.93 -8.63 -22.43
N PRO A 101 5.06 -7.90 -22.38
CA PRO A 101 5.46 -7.30 -21.10
C PRO A 101 4.41 -6.33 -20.59
N ALA A 102 3.64 -5.75 -21.51
CA ALA A 102 2.52 -4.85 -21.20
C ALA A 102 1.16 -5.51 -21.37
N SER A 103 1.15 -6.84 -21.22
CA SER A 103 -0.06 -7.63 -21.19
C SER A 103 -1.13 -7.02 -20.32
N ARG A 104 -2.37 -6.99 -20.80
N ARG A 104 -2.36 -6.99 -20.79
CA ARG A 104 -3.52 -6.57 -19.98
CA ARG A 104 -3.52 -6.56 -19.99
C ARG A 104 -4.11 -7.76 -19.20
C ARG A 104 -4.11 -7.75 -19.21
N ALA A 105 -3.72 -8.99 -19.58
CA ALA A 105 -4.23 -10.18 -18.93
C ALA A 105 -3.53 -11.42 -19.45
N GLN A 106 -3.25 -12.37 -18.58
CA GLN A 106 -2.64 -13.67 -18.95
C GLN A 106 -3.67 -14.75 -18.94
N LYS A 107 -3.57 -15.65 -19.92
CA LYS A 107 -4.42 -16.83 -19.95
C LYS A 107 -4.29 -17.69 -18.71
N THR A 108 -3.06 -18.02 -18.38
CA THR A 108 -2.77 -18.81 -17.20
C THR A 108 -1.66 -18.12 -16.43
N ASP A 109 -0.44 -18.55 -16.62
CA ASP A 109 0.67 -18.07 -15.82
C ASP A 109 1.50 -16.97 -16.47
N VAL A 110 2.51 -16.48 -15.76
CA VAL A 110 3.26 -15.30 -16.19
C VAL A 110 4.04 -15.56 -17.47
N ASN A 111 4.36 -16.84 -17.76
CA ASN A 111 5.17 -17.20 -18.93
C ASN A 111 4.35 -17.56 -20.14
N GLY A 112 3.05 -17.75 -19.96
CA GLY A 112 2.17 -18.20 -21.03
C GLY A 112 1.61 -17.09 -21.92
N PRO A 113 0.58 -17.45 -22.70
CA PRO A 113 -0.02 -16.48 -23.59
C PRO A 113 -0.67 -15.32 -22.86
N SER A 114 -0.57 -14.15 -23.48
CA SER A 114 -1.35 -12.99 -23.09
C SER A 114 -2.67 -13.06 -23.86
N TYR A 115 -3.66 -12.29 -23.47
CA TYR A 115 -4.85 -12.21 -24.32
C TYR A 115 -5.33 -10.79 -24.50
N VAL A 116 -5.99 -10.58 -25.63
CA VAL A 116 -6.53 -9.27 -25.97
C VAL A 116 -7.73 -8.98 -25.09
N VAL A 117 -7.69 -7.84 -24.39
CA VAL A 117 -8.77 -7.43 -23.50
C VAL A 117 -9.61 -6.32 -24.13
N ASP A 118 -10.92 -6.44 -23.97
CA ASP A 118 -11.86 -5.41 -24.37
C ASP A 118 -12.10 -4.50 -23.18
N PRO A 119 -11.59 -3.26 -23.23
CA PRO A 119 -11.83 -2.30 -22.13
C PRO A 119 -13.31 -2.10 -21.81
N GLY A 120 -14.17 -2.34 -22.77
CA GLY A 120 -15.58 -2.12 -22.57
C GLY A 120 -16.41 -3.33 -22.28
N SER A 121 -15.80 -4.50 -22.07
CA SER A 121 -16.59 -5.70 -21.79
C SER A 121 -17.34 -5.59 -20.47
N TYR A 122 -16.73 -4.94 -19.48
CA TYR A 122 -17.37 -4.77 -18.18
C TYR A 122 -18.34 -3.56 -18.22
N THR A 123 -19.57 -3.78 -17.78
CA THR A 123 -20.56 -2.71 -17.67
C THR A 123 -20.50 -2.14 -16.24
N TRP A 124 -19.99 -0.93 -16.14
CA TRP A 124 -19.91 -0.24 -14.84
C TRP A 124 -21.31 0.18 -14.41
N ARG A 125 -21.65 -0.15 -13.16
CA ARG A 125 -22.96 0.17 -12.60
C ARG A 125 -22.91 1.44 -11.79
N ASN A 126 -21.85 1.64 -11.02
CA ASN A 126 -21.77 2.78 -10.13
C ASN A 126 -20.97 3.91 -10.72
N THR A 127 -21.41 4.37 -11.88
CA THR A 127 -20.72 5.43 -12.60
C THR A 127 -20.89 6.81 -11.97
N GLY A 128 -21.83 6.97 -11.03
CA GLY A 128 -21.95 8.22 -10.35
C GLY A 128 -21.01 8.41 -9.18
N TRP A 129 -20.24 7.38 -8.86
CA TRP A 129 -19.25 7.48 -7.78
C TRP A 129 -18.25 8.57 -8.13
N LYS A 130 -18.02 9.47 -7.23
CA LYS A 130 -17.00 10.48 -7.48
C LYS A 130 -16.12 10.61 -6.26
N GLY A 131 -16.02 9.54 -5.48
CA GLY A 131 -15.03 9.49 -4.39
C GLY A 131 -15.41 10.26 -3.16
N SER A 132 -14.45 10.40 -2.27
CA SER A 132 -14.65 11.07 -1.00
C SER A 132 -13.40 11.83 -0.63
N ARG A 133 -13.57 12.80 0.25
CA ARG A 133 -12.46 13.63 0.68
C ARG A 133 -11.43 12.79 1.42
N TRP A 134 -10.17 13.16 1.23
CA TRP A 134 -9.09 12.41 1.87
C TRP A 134 -9.17 12.45 3.42
N GLU A 135 -9.77 13.53 3.93
N GLU A 135 -9.61 13.58 3.97
CA GLU A 135 -9.92 13.69 5.36
CA GLU A 135 -9.56 13.71 5.44
C GLU A 135 -10.71 12.58 6.03
C GLU A 135 -10.42 12.70 6.12
N GLN A 136 -11.63 11.94 5.31
N GLN A 136 -11.34 12.11 5.35
CA GLN A 136 -12.37 10.87 5.94
CA GLN A 136 -12.26 11.07 5.85
C GLN A 136 -11.75 9.50 5.71
C GLN A 136 -11.72 9.62 5.74
N ALA A 137 -10.52 9.47 5.18
CA ALA A 137 -9.92 8.17 4.88
C ALA A 137 -9.58 7.34 6.12
N VAL A 138 -9.98 6.08 6.10
CA VAL A 138 -9.57 5.06 7.06
C VAL A 138 -9.20 3.90 6.14
N VAL A 139 -7.91 3.59 6.05
CA VAL A 139 -7.40 2.65 5.04
C VAL A 139 -7.34 1.26 5.62
N TYR A 140 -7.69 0.25 4.81
CA TYR A 140 -7.67 -1.13 5.19
C TYR A 140 -6.84 -1.87 4.17
N GLU A 141 -5.67 -2.34 4.57
CA GLU A 141 -4.76 -3.04 3.65
C GLU A 141 -5.12 -4.50 3.58
N MET A 142 -5.39 -4.95 2.35
N MET A 142 -5.45 -4.98 2.38
CA MET A 142 -5.91 -6.27 2.07
CA MET A 142 -5.76 -6.39 2.23
C MET A 142 -5.02 -7.03 1.04
C MET A 142 -4.89 -7.00 1.16
N HIS A 143 -4.70 -8.30 1.33
CA HIS A 143 -3.97 -9.13 0.42
C HIS A 143 -5.01 -10.08 -0.21
N THR A 144 -5.21 -10.00 -1.51
CA THR A 144 -6.33 -10.71 -2.16
C THR A 144 -6.24 -12.19 -1.93
N GLY A 145 -5.06 -12.76 -2.02
CA GLY A 145 -4.95 -14.21 -1.92
C GLY A 145 -5.28 -14.82 -0.58
N THR A 146 -5.05 -14.08 0.52
CA THR A 146 -5.28 -14.59 1.87
C THR A 146 -6.50 -13.98 2.55
N PHE A 147 -7.09 -12.93 1.98
CA PHE A 147 -8.23 -12.26 2.56
C PHE A 147 -9.44 -13.17 2.69
N THR A 148 -9.59 -14.10 1.76
CA THR A 148 -10.68 -15.08 1.79
C THR A 148 -10.09 -16.46 1.51
N PRO A 149 -10.86 -17.51 1.88
CA PRO A 149 -10.41 -18.87 1.57
C PRO A 149 -10.14 -19.09 0.08
N GLU A 150 -11.02 -18.55 -0.76
N GLU A 150 -11.00 -18.59 -0.80
CA GLU A 150 -10.93 -18.66 -2.21
CA GLU A 150 -10.78 -18.77 -2.24
C GLU A 150 -9.73 -17.85 -2.76
C GLU A 150 -9.65 -17.88 -2.76
N GLY A 151 -9.46 -16.70 -2.15
CA GLY A 151 -8.34 -15.87 -2.50
C GLY A 151 -8.49 -15.10 -3.82
N THR A 152 -9.72 -14.74 -4.16
CA THR A 152 -10.05 -14.07 -5.42
C THR A 152 -10.76 -12.74 -5.19
N PHE A 153 -10.76 -11.93 -6.25
CA PHE A 153 -11.50 -10.68 -6.21
C PHE A 153 -13.00 -10.95 -5.99
N ARG A 154 -13.56 -11.94 -6.66
CA ARG A 154 -15.00 -12.23 -6.55
C ARG A 154 -15.38 -12.62 -5.13
N ALA A 155 -14.55 -13.47 -4.49
CA ALA A 155 -14.85 -13.88 -3.10
C ALA A 155 -14.78 -12.71 -2.12
N ALA A 156 -13.87 -11.77 -2.38
CA ALA A 156 -13.69 -10.62 -1.56
C ALA A 156 -14.90 -9.69 -1.59
N ILE A 157 -15.64 -9.66 -2.71
CA ILE A 157 -16.85 -8.84 -2.79
C ILE A 157 -17.85 -9.13 -1.67
N ALA A 158 -17.95 -10.39 -1.28
CA ALA A 158 -18.90 -10.78 -0.22
C ALA A 158 -18.57 -10.22 1.16
N LYS A 159 -17.32 -9.79 1.35
CA LYS A 159 -16.88 -9.19 2.60
C LYS A 159 -16.96 -7.66 2.62
N LEU A 160 -17.27 -7.05 1.48
CA LEU A 160 -17.32 -5.58 1.40
C LEU A 160 -18.39 -4.94 2.32
N PRO A 161 -19.60 -5.55 2.41
CA PRO A 161 -20.60 -4.95 3.30
C PRO A 161 -20.07 -4.90 4.74
N TYR A 162 -19.42 -5.99 5.14
CA TYR A 162 -18.79 -6.10 6.45
C TYR A 162 -17.77 -4.95 6.70
N LEU A 163 -16.91 -4.71 5.72
CA LEU A 163 -15.91 -3.66 5.88
C LEU A 163 -16.56 -2.27 5.94
N ALA A 164 -17.58 -2.06 5.11
CA ALA A 164 -18.27 -0.78 5.10
C ALA A 164 -18.99 -0.50 6.42
N GLU A 165 -19.62 -1.55 6.94
N GLU A 165 -19.64 -1.50 7.00
CA GLU A 165 -20.34 -1.51 8.23
CA GLU A 165 -20.35 -1.30 8.27
C GLU A 165 -19.38 -1.13 9.35
C GLU A 165 -19.40 -1.25 9.48
N LEU A 166 -18.19 -1.75 9.31
CA LEU A 166 -17.12 -1.57 10.32
C LEU A 166 -16.74 -0.09 10.35
N GLY A 167 -16.68 0.55 9.18
CA GLY A 167 -16.32 1.94 9.12
C GLY A 167 -15.01 2.24 8.34
N VAL A 168 -14.46 1.21 7.71
CA VAL A 168 -13.36 1.38 6.75
C VAL A 168 -13.90 2.25 5.62
N THR A 169 -13.10 3.16 5.07
CA THR A 169 -13.54 3.96 3.93
C THR A 169 -12.65 3.81 2.68
N VAL A 170 -11.44 3.25 2.80
CA VAL A 170 -10.52 3.07 1.67
C VAL A 170 -9.94 1.68 1.76
N ILE A 171 -10.12 0.85 0.73
N ILE A 171 -10.11 0.85 0.73
CA ILE A 171 -9.48 -0.44 0.66
CA ILE A 171 -9.49 -0.48 0.69
C ILE A 171 -8.20 -0.24 -0.13
C ILE A 171 -8.24 -0.40 -0.17
N GLU A 172 -7.09 -0.71 0.43
CA GLU A 172 -5.81 -0.73 -0.26
C GLU A 172 -5.52 -2.18 -0.62
N VAL A 173 -5.50 -2.47 -1.93
CA VAL A 173 -5.25 -3.79 -2.45
C VAL A 173 -3.72 -3.93 -2.71
N MET A 174 -3.14 -4.95 -2.08
CA MET A 174 -1.72 -5.24 -2.31
C MET A 174 -1.50 -5.56 -3.79
N PRO A 175 -0.26 -5.48 -4.28
CA PRO A 175 -0.09 -5.44 -5.74
C PRO A 175 -0.66 -6.65 -6.47
N VAL A 176 -1.27 -6.38 -7.62
CA VAL A 176 -1.93 -7.42 -8.40
C VAL A 176 -1.16 -7.75 -9.68
N ALA A 177 -0.13 -6.99 -10.01
CA ALA A 177 0.67 -7.23 -11.27
C ALA A 177 1.10 -8.67 -11.31
N GLN A 178 0.81 -9.38 -12.40
CA GLN A 178 1.10 -10.78 -12.47
C GLN A 178 2.57 -11.08 -12.17
N PHE A 179 2.77 -12.08 -11.30
CA PHE A 179 4.08 -12.55 -10.83
C PHE A 179 4.12 -14.05 -11.05
N GLY A 180 5.31 -14.61 -10.90
CA GLY A 180 5.51 -16.04 -11.05
C GLY A 180 4.76 -16.82 -10.00
N GLY A 181 4.13 -17.91 -10.38
CA GLY A 181 3.37 -18.76 -9.48
C GLY A 181 2.00 -18.21 -9.17
N GLU A 182 1.29 -18.88 -8.29
N GLU A 182 1.25 -18.94 -8.33
CA GLU A 182 -0.08 -18.57 -8.05
CA GLU A 182 -0.14 -18.62 -8.01
C GLU A 182 -0.33 -18.06 -6.62
C GLU A 182 -0.29 -17.82 -6.71
N ARG A 183 0.74 -17.82 -5.88
CA ARG A 183 0.69 -17.25 -4.50
C ARG A 183 1.83 -16.27 -4.35
N GLY A 184 1.58 -15.09 -3.74
CA GLY A 184 2.66 -14.16 -3.51
C GLY A 184 2.08 -12.86 -2.97
N TRP A 185 2.92 -12.09 -2.29
CA TRP A 185 2.45 -10.80 -1.75
C TRP A 185 2.09 -9.80 -2.83
N GLY A 186 2.81 -9.86 -3.97
CA GLY A 186 2.62 -8.96 -5.10
C GLY A 186 3.85 -8.17 -5.49
N TYR A 187 4.91 -8.19 -4.67
CA TYR A 187 6.10 -7.37 -4.95
C TYR A 187 7.07 -8.05 -5.93
N ASP A 188 6.72 -9.24 -6.40
CA ASP A 188 7.47 -9.92 -7.48
C ASP A 188 6.77 -9.74 -8.83
N GLY A 189 5.82 -8.81 -8.90
CA GLY A 189 5.17 -8.51 -10.17
C GLY A 189 6.14 -8.21 -11.28
N VAL A 190 5.78 -8.68 -12.48
CA VAL A 190 6.56 -8.44 -13.71
C VAL A 190 5.72 -7.91 -14.89
N LEU A 191 4.43 -8.27 -14.95
CA LEU A 191 3.53 -7.80 -16.02
C LEU A 191 2.72 -6.69 -15.36
N LEU A 192 3.27 -5.49 -15.40
CA LEU A 192 2.77 -4.41 -14.54
C LEU A 192 1.39 -3.87 -14.87
N TYR A 193 0.86 -4.26 -16.03
CA TYR A 193 -0.46 -3.85 -16.50
C TYR A 193 -1.50 -4.97 -16.36
N ALA A 194 -1.11 -6.16 -15.88
CA ALA A 194 -2.00 -7.31 -15.87
C ALA A 194 -2.37 -7.74 -14.45
N PRO A 195 -3.67 -7.73 -14.08
CA PRO A 195 -4.03 -8.28 -12.77
C PRO A 195 -3.84 -9.80 -12.76
N HIS A 196 -3.29 -10.33 -11.68
CA HIS A 196 -2.94 -11.73 -11.63
C HIS A 196 -4.14 -12.63 -11.86
N SER A 197 -3.97 -13.56 -12.81
CA SER A 197 -5.04 -14.49 -13.16
C SER A 197 -5.50 -15.36 -12.00
N ALA A 198 -4.65 -15.54 -10.98
CA ALA A 198 -5.05 -16.29 -9.79
C ALA A 198 -6.13 -15.56 -9.00
N TYR A 199 -6.14 -14.24 -9.10
CA TYR A 199 -7.14 -13.44 -8.40
C TYR A 199 -8.44 -13.25 -9.18
N GLY A 200 -8.33 -13.29 -10.50
CA GLY A 200 -9.50 -13.16 -11.36
C GLY A 200 -9.11 -12.53 -12.67
N THR A 201 -10.11 -12.36 -13.52
CA THR A 201 -9.93 -11.67 -14.78
C THR A 201 -9.98 -10.15 -14.58
N PRO A 202 -9.62 -9.35 -15.59
CA PRO A 202 -9.79 -7.92 -15.48
C PRO A 202 -11.21 -7.55 -15.05
N ASP A 203 -12.21 -8.18 -15.63
CA ASP A 203 -13.58 -7.86 -15.29
C ASP A 203 -13.96 -8.25 -13.87
N ASP A 204 -13.35 -9.29 -13.33
CA ASP A 204 -13.54 -9.64 -11.93
C ASP A 204 -13.02 -8.52 -11.03
N PHE A 205 -11.86 -7.95 -11.36
CA PHE A 205 -11.31 -6.86 -10.54
C PHE A 205 -12.20 -5.63 -10.70
N LYS A 206 -12.64 -5.31 -11.92
CA LYS A 206 -13.58 -4.19 -12.09
C LYS A 206 -14.86 -4.42 -11.30
N ALA A 207 -15.38 -5.64 -11.28
CA ALA A 207 -16.59 -5.92 -10.50
C ALA A 207 -16.37 -5.65 -9.02
N PHE A 208 -15.20 -6.01 -8.50
CA PHE A 208 -14.86 -5.78 -7.11
C PHE A 208 -14.81 -4.29 -6.82
N ILE A 209 -14.17 -3.52 -7.66
CA ILE A 209 -14.04 -2.07 -7.49
C ILE A 209 -15.43 -1.40 -7.56
N ASP A 210 -16.22 -1.81 -8.54
CA ASP A 210 -17.58 -1.25 -8.74
C ASP A 210 -18.42 -1.54 -7.52
N ALA A 211 -18.38 -2.78 -7.03
CA ALA A 211 -19.13 -3.15 -5.83
C ALA A 211 -18.67 -2.35 -4.62
N ALA A 212 -17.37 -2.21 -4.46
CA ALA A 212 -16.81 -1.43 -3.37
C ALA A 212 -17.40 -0.03 -3.39
N HIS A 213 -17.40 0.61 -4.55
CA HIS A 213 -18.00 1.94 -4.69
C HIS A 213 -19.44 1.98 -4.23
N GLY A 214 -20.21 0.98 -4.64
CA GLY A 214 -21.62 0.92 -4.22
C GLY A 214 -21.77 0.81 -2.72
N TYR A 215 -20.82 0.12 -2.07
CA TYR A 215 -20.81 0.02 -0.61
C TYR A 215 -20.18 1.22 0.09
N GLY A 216 -19.78 2.25 -0.65
CA GLY A 216 -19.22 3.45 -0.05
C GLY A 216 -17.73 3.46 0.18
N LEU A 217 -17.02 2.52 -0.44
CA LEU A 217 -15.58 2.34 -0.26
C LEU A 217 -14.79 2.81 -1.45
N SER A 218 -13.77 3.64 -1.22
CA SER A 218 -12.79 3.92 -2.22
C SER A 218 -11.82 2.71 -2.30
N VAL A 219 -11.21 2.54 -3.46
CA VAL A 219 -10.21 1.47 -3.67
C VAL A 219 -8.95 2.07 -4.25
N VAL A 220 -7.82 1.79 -3.61
CA VAL A 220 -6.51 2.17 -4.08
C VAL A 220 -5.66 0.93 -4.26
N LEU A 221 -4.75 0.99 -5.20
CA LEU A 221 -3.89 -0.14 -5.55
C LEU A 221 -2.42 0.16 -5.22
N ASP A 222 -1.78 -0.79 -4.59
CA ASP A 222 -0.35 -0.77 -4.32
C ASP A 222 0.36 -1.10 -5.66
N ILE A 223 1.23 -0.19 -6.08
CA ILE A 223 1.91 -0.30 -7.36
C ILE A 223 3.42 -0.20 -7.17
N VAL A 224 4.12 -1.13 -7.80
CA VAL A 224 5.57 -1.26 -7.72
C VAL A 224 6.20 -0.78 -9.01
N LEU A 225 6.92 0.34 -8.95
CA LEU A 225 7.56 0.89 -10.14
C LEU A 225 9.10 0.98 -9.96
N ASN A 226 9.61 0.42 -8.87
CA ASN A 226 11.03 0.47 -8.54
C ASN A 226 11.81 -0.74 -9.00
N HIS A 227 11.15 -1.86 -9.29
CA HIS A 227 11.83 -3.08 -9.75
C HIS A 227 10.83 -4.07 -10.30
N PHE A 228 11.34 -5.06 -11.02
CA PHE A 228 10.58 -6.20 -11.52
C PHE A 228 10.97 -7.47 -10.79
N GLY A 229 10.02 -8.36 -10.56
CA GLY A 229 10.28 -9.63 -9.93
C GLY A 229 11.14 -10.55 -10.78
N PRO A 230 11.49 -11.70 -10.23
CA PRO A 230 12.47 -12.58 -10.85
C PRO A 230 11.99 -13.60 -11.84
N GLU A 231 10.71 -13.95 -11.83
N GLU A 231 10.69 -13.87 -11.88
CA GLU A 231 10.15 -14.91 -12.79
CA GLU A 231 10.14 -14.90 -12.76
C GLU A 231 9.24 -14.20 -13.77
C GLU A 231 9.14 -14.31 -13.76
N GLY A 232 9.42 -14.47 -15.06
CA GLY A 232 8.54 -13.96 -16.09
C GLY A 232 8.86 -12.58 -16.65
N ASN A 233 10.00 -12.01 -16.29
CA ASN A 233 10.42 -10.71 -16.80
C ASN A 233 11.36 -10.91 -17.98
N TYR A 234 10.85 -10.69 -19.18
CA TYR A 234 11.65 -10.85 -20.39
C TYR A 234 12.12 -9.53 -20.96
N LEU A 235 11.83 -8.44 -20.28
CA LEU A 235 12.33 -7.13 -20.74
C LEU A 235 13.86 -7.08 -20.94
N PRO A 236 14.65 -7.74 -20.05
CA PRO A 236 16.11 -7.72 -20.28
C PRO A 236 16.53 -8.33 -21.64
N LEU A 237 15.77 -9.34 -22.11
N LEU A 237 15.81 -9.35 -22.10
CA LEU A 237 16.02 -10.04 -23.38
CA LEU A 237 16.09 -9.96 -23.39
C LEU A 237 15.48 -9.26 -24.60
C LEU A 237 15.61 -9.04 -24.50
N LEU A 238 14.37 -8.55 -24.39
CA LEU A 238 13.79 -7.70 -25.44
C LEU A 238 14.59 -6.43 -25.63
N ALA A 239 14.97 -5.79 -24.54
CA ALA A 239 15.59 -4.49 -24.55
C ALA A 239 16.52 -4.34 -23.35
N PRO A 240 17.79 -4.75 -23.49
CA PRO A 240 18.70 -4.63 -22.36
C PRO A 240 18.76 -3.22 -21.78
N ALA A 241 18.59 -2.20 -22.63
CA ALA A 241 18.59 -0.82 -22.22
C ALA A 241 17.41 -0.41 -21.32
N PHE A 242 16.46 -1.31 -21.11
CA PHE A 242 15.33 -1.04 -20.20
C PHE A 242 15.90 -0.86 -18.79
N PHE A 243 17.02 -1.52 -18.51
CA PHE A 243 17.68 -1.46 -17.19
C PHE A 243 19.05 -0.83 -17.24
N HIS A 244 19.40 -0.12 -16.18
CA HIS A 244 20.72 0.50 -16.11
C HIS A 244 21.83 -0.54 -15.99
N LYS A 245 23.03 -0.13 -16.39
CA LYS A 245 24.23 -0.97 -16.30
C LYS A 245 24.79 -1.02 -14.88
N GLU A 246 24.80 0.12 -14.16
CA GLU A 246 25.33 0.14 -12.78
C GLU A 246 24.25 -0.05 -11.71
N ARG A 247 23.23 0.80 -11.76
CA ARG A 247 22.19 0.86 -10.72
C ARG A 247 21.44 -0.46 -10.44
N MET A 248 21.42 -0.87 -9.17
N MET A 248 21.44 -0.83 -9.16
CA MET A 248 20.70 -2.06 -8.73
CA MET A 248 20.74 -2.01 -8.66
C MET A 248 20.01 -1.74 -7.40
C MET A 248 19.97 -1.62 -7.42
N THR A 249 18.72 -2.05 -7.32
CA THR A 249 17.97 -1.88 -6.09
C THR A 249 18.32 -3.14 -5.30
N PRO A 250 17.85 -3.25 -4.06
CA PRO A 250 18.11 -4.46 -3.32
C PRO A 250 17.35 -5.70 -3.82
N TRP A 251 16.50 -5.55 -4.85
CA TRP A 251 15.59 -6.61 -5.29
C TRP A 251 15.66 -6.92 -6.77
N GLY A 252 16.53 -6.22 -7.49
CA GLY A 252 16.63 -6.36 -8.93
C GLY A 252 17.30 -5.15 -9.55
N ASN A 253 17.53 -5.21 -10.87
CA ASN A 253 18.19 -4.10 -11.57
C ASN A 253 17.41 -2.80 -11.54
N GLY A 254 18.12 -1.68 -11.45
CA GLY A 254 17.50 -0.38 -11.55
C GLY A 254 16.95 -0.17 -12.94
N ILE A 255 15.82 0.51 -12.99
CA ILE A 255 15.12 0.80 -14.24
C ILE A 255 15.62 2.11 -14.87
N ALA A 256 15.83 2.09 -16.20
CA ALA A 256 16.32 3.27 -16.92
C ALA A 256 15.21 4.27 -17.22
N TYR A 257 14.77 5.02 -16.19
CA TYR A 257 13.65 5.96 -16.36
C TYR A 257 13.94 7.13 -17.31
N ASP A 258 15.21 7.34 -17.61
CA ASP A 258 15.65 8.39 -18.55
C ASP A 258 15.54 8.01 -20.02
N VAL A 259 15.24 6.74 -20.31
CA VAL A 259 15.08 6.26 -21.67
C VAL A 259 13.59 6.40 -22.02
N ASP A 260 13.27 7.07 -23.13
CA ASP A 260 11.89 7.38 -23.46
C ASP A 260 10.95 6.17 -23.42
N ALA A 261 11.32 5.07 -24.07
CA ALA A 261 10.39 3.90 -24.13
C ALA A 261 10.13 3.32 -22.73
N VAL A 262 11.16 3.35 -21.90
CA VAL A 262 11.05 2.87 -20.53
C VAL A 262 10.14 3.77 -19.72
N ARG A 263 10.35 5.07 -19.86
CA ARG A 263 9.55 6.06 -19.19
C ARG A 263 8.06 5.91 -19.59
N ARG A 264 7.78 5.63 -20.85
CA ARG A 264 6.41 5.39 -21.29
C ARG A 264 5.82 4.17 -20.57
N TYR A 265 6.56 3.08 -20.50
CA TYR A 265 6.06 1.89 -19.83
C TYR A 265 5.73 2.22 -18.35
N ILE A 266 6.64 2.90 -17.68
CA ILE A 266 6.52 3.20 -16.23
C ILE A 266 5.45 4.24 -15.93
N ILE A 267 5.46 5.37 -16.62
CA ILE A 267 4.49 6.41 -16.34
C ILE A 267 3.07 6.03 -16.74
N GLU A 268 2.93 5.36 -17.88
CA GLU A 268 1.59 5.00 -18.33
C GLU A 268 0.93 3.92 -17.46
N ALA A 269 1.71 3.11 -16.73
CA ALA A 269 1.12 2.08 -15.84
C ALA A 269 0.18 2.67 -14.79
N PRO A 270 0.63 3.62 -13.95
CA PRO A 270 -0.32 4.18 -12.98
C PRO A 270 -1.53 4.87 -13.62
N LEU A 271 -1.31 5.55 -14.75
N LEU A 271 -1.31 5.59 -14.73
CA LEU A 271 -2.41 6.22 -15.44
CA LEU A 271 -2.43 6.25 -15.41
C LEU A 271 -3.42 5.19 -15.93
C LEU A 271 -3.43 5.19 -15.94
N TYR A 272 -2.91 4.09 -16.47
CA TYR A 272 -3.75 2.97 -16.95
C TYR A 272 -4.61 2.37 -15.83
N TRP A 273 -3.99 2.08 -14.69
CA TRP A 273 -4.74 1.46 -13.62
C TRP A 273 -5.84 2.39 -13.14
N LEU A 274 -5.50 3.66 -12.97
CA LEU A 274 -6.48 4.60 -12.48
C LEU A 274 -7.64 4.78 -13.43
N THR A 275 -7.35 4.91 -14.72
N THR A 275 -7.31 4.90 -14.72
CA THR A 275 -8.42 5.18 -15.69
CA THR A 275 -8.31 5.20 -15.76
C THR A 275 -9.18 3.91 -16.03
C THR A 275 -9.14 4.00 -16.17
N GLU A 276 -8.49 2.87 -16.41
CA GLU A 276 -9.19 1.67 -16.85
C GLU A 276 -9.96 0.93 -15.75
N TYR A 277 -9.44 0.97 -14.53
CA TYR A 277 -10.05 0.29 -13.39
C TYR A 277 -10.83 1.23 -12.47
N HIS A 278 -10.91 2.50 -12.84
CA HIS A 278 -11.76 3.49 -12.14
C HIS A 278 -11.35 3.52 -10.66
N LEU A 279 -10.04 3.43 -10.42
CA LEU A 279 -9.54 3.45 -9.05
C LEU A 279 -9.55 4.84 -8.45
N ASP A 280 -9.45 4.89 -7.13
CA ASP A 280 -9.47 6.13 -6.37
C ASP A 280 -8.12 6.65 -5.90
N GLY A 281 -7.07 5.91 -6.26
CA GLY A 281 -5.74 6.28 -5.88
C GLY A 281 -4.80 5.10 -6.01
N LEU A 282 -3.56 5.36 -5.66
CA LEU A 282 -2.45 4.39 -5.75
C LEU A 282 -1.56 4.59 -4.57
N ARG A 283 -0.96 3.51 -4.12
CA ARG A 283 0.10 3.54 -3.09
C ARG A 283 1.39 3.10 -3.74
N PHE A 284 2.37 3.99 -3.82
CA PHE A 284 3.63 3.71 -4.50
C PHE A 284 4.67 3.10 -3.58
N ASP A 285 5.00 1.86 -3.86
CA ASP A 285 6.01 1.10 -3.12
C ASP A 285 7.40 1.69 -3.27
N ALA A 286 8.10 1.73 -2.12
CA ALA A 286 9.56 2.05 -2.05
C ALA A 286 10.01 3.14 -2.99
N ILE A 287 9.46 4.35 -2.87
CA ILE A 287 9.81 5.41 -3.78
C ILE A 287 11.25 5.89 -3.60
N ASP A 288 11.82 5.60 -2.44
CA ASP A 288 13.23 5.92 -2.16
C ASP A 288 14.15 5.10 -3.06
N GLN A 289 13.63 4.07 -3.71
CA GLN A 289 14.42 3.22 -4.64
C GLN A 289 14.06 3.48 -6.11
N ILE A 290 13.48 4.64 -6.38
CA ILE A 290 13.20 5.08 -7.74
C ILE A 290 14.16 6.24 -8.06
N GLU A 291 15.35 5.87 -8.56
CA GLU A 291 16.40 6.84 -8.88
C GLU A 291 16.28 7.28 -10.33
N ASP A 292 16.13 8.57 -10.53
CA ASP A 292 16.01 9.15 -11.87
C ASP A 292 16.75 10.50 -11.88
N SER A 293 17.70 10.63 -12.80
CA SER A 293 18.49 11.84 -12.94
C SER A 293 17.90 12.78 -13.99
N SER A 294 16.73 12.43 -14.54
CA SER A 294 16.07 13.28 -15.50
C SER A 294 15.76 14.63 -14.89
N ALA A 295 15.71 15.66 -15.72
CA ALA A 295 15.43 17.01 -15.25
C ALA A 295 14.13 17.06 -14.46
N ARG A 296 13.12 16.31 -14.91
CA ARG A 296 11.85 16.18 -14.21
C ARG A 296 11.82 14.75 -13.74
N HIS A 297 11.80 14.54 -12.43
CA HIS A 297 11.79 13.18 -11.86
C HIS A 297 10.52 12.43 -12.27
N VAL A 298 10.69 11.17 -12.61
CA VAL A 298 9.59 10.31 -13.03
C VAL A 298 8.37 10.38 -12.07
N LEU A 299 8.61 10.44 -10.76
CA LEU A 299 7.48 10.52 -9.81
C LEU A 299 6.74 11.82 -9.87
N VAL A 300 7.47 12.91 -10.07
CA VAL A 300 6.83 14.22 -10.22
C VAL A 300 5.98 14.23 -11.48
N GLU A 301 6.54 13.73 -12.58
CA GLU A 301 5.80 13.68 -13.82
C GLU A 301 4.53 12.80 -13.69
N ILE A 302 4.64 11.64 -13.02
CA ILE A 302 3.48 10.78 -12.79
C ILE A 302 2.38 11.57 -12.06
N ALA A 303 2.74 12.20 -10.93
CA ALA A 303 1.73 12.94 -10.17
C ALA A 303 1.12 14.11 -10.98
N GLN A 304 1.98 14.87 -11.67
CA GLN A 304 1.48 15.99 -12.48
C GLN A 304 0.51 15.50 -13.57
N ARG A 305 0.83 14.39 -14.23
CA ARG A 305 -0.05 13.88 -15.26
C ARG A 305 -1.37 13.38 -14.69
N ILE A 306 -1.33 12.73 -13.54
CA ILE A 306 -2.54 12.29 -12.92
C ILE A 306 -3.45 13.45 -12.54
N ARG A 307 -2.88 14.55 -12.02
CA ARG A 307 -3.71 15.71 -11.63
C ARG A 307 -4.29 16.43 -12.85
N GLU A 308 -3.59 16.38 -13.97
N GLU A 308 -3.54 16.37 -13.95
CA GLU A 308 -4.11 17.02 -15.19
CA GLU A 308 -3.99 16.94 -15.23
C GLU A 308 -5.10 16.12 -15.91
C GLU A 308 -5.10 16.11 -15.84
N ASP A 309 -4.88 14.80 -15.87
CA ASP A 309 -5.75 13.86 -16.62
C ASP A 309 -7.02 13.40 -15.93
N ILE A 310 -7.03 13.34 -14.60
CA ILE A 310 -8.19 12.88 -13.86
C ILE A 310 -8.65 14.00 -12.95
N THR A 311 -9.77 14.60 -13.28
CA THR A 311 -10.25 15.76 -12.56
C THR A 311 -11.69 15.63 -12.02
N ASP A 312 -12.37 14.52 -12.27
CA ASP A 312 -13.77 14.37 -11.87
C ASP A 312 -13.97 13.80 -10.48
N ARG A 313 -12.86 13.44 -9.82
CA ARG A 313 -12.93 12.83 -8.52
C ARG A 313 -11.57 13.01 -7.88
N PRO A 314 -11.53 13.00 -6.54
CA PRO A 314 -10.21 13.01 -5.89
C PRO A 314 -9.43 11.73 -6.25
N ILE A 315 -8.11 11.85 -6.33
CA ILE A 315 -7.23 10.72 -6.57
C ILE A 315 -6.17 10.77 -5.46
N HIS A 316 -6.24 9.79 -4.60
CA HIS A 316 -5.41 9.75 -3.38
C HIS A 316 -4.12 9.00 -3.67
N LEU A 317 -3.05 9.76 -3.84
CA LEU A 317 -1.74 9.19 -4.18
C LEU A 317 -0.89 9.13 -2.93
N THR A 318 -0.60 7.92 -2.45
CA THR A 318 0.22 7.77 -1.26
C THR A 318 1.53 7.14 -1.65
N THR A 319 2.55 7.39 -0.85
CA THR A 319 3.88 6.93 -1.12
C THR A 319 4.53 6.31 0.09
N GLU A 320 5.38 5.31 -0.16
N GLU A 320 5.40 5.34 -0.13
CA GLU A 320 6.21 4.67 0.83
CA GLU A 320 6.11 4.72 0.95
C GLU A 320 7.65 5.10 0.61
C GLU A 320 7.62 4.97 0.74
N ASP A 321 8.12 5.98 1.47
CA ASP A 321 9.48 6.54 1.40
C ASP A 321 10.10 6.44 2.78
N SER A 322 11.36 5.99 2.81
CA SER A 322 12.07 5.90 4.09
C SER A 322 12.76 7.21 4.44
N ARG A 323 12.81 8.18 3.53
CA ARG A 323 13.68 9.35 3.72
C ARG A 323 13.15 10.43 4.62
N ASN A 324 11.85 10.42 4.89
CA ASN A 324 11.26 11.48 5.69
C ASN A 324 11.47 12.87 5.08
N ILE A 325 11.38 12.91 3.76
CA ILE A 325 11.25 14.17 3.04
C ILE A 325 9.78 14.58 2.99
N ILE A 326 9.52 15.80 2.57
CA ILE A 326 8.16 16.34 2.37
C ILE A 326 7.94 17.00 0.98
N SER A 327 8.99 17.10 0.18
CA SER A 327 8.93 17.86 -1.08
C SER A 327 7.96 17.29 -2.10
N LEU A 328 7.61 16.00 -1.98
CA LEU A 328 6.65 15.38 -2.90
C LEU A 328 5.20 15.53 -2.40
N HIS A 329 4.99 16.14 -1.23
CA HIS A 329 3.67 16.27 -0.62
C HIS A 329 3.25 17.70 -0.26
N PRO A 330 3.51 18.65 -1.17
CA PRO A 330 3.11 20.02 -0.86
C PRO A 330 1.63 20.22 -0.87
N ARG A 331 1.19 21.30 -0.23
CA ARG A 331 -0.20 21.74 -0.25
C ARG A 331 -0.23 23.19 -0.71
N ASP A 332 -1.27 23.55 -1.46
CA ASP A 332 -1.44 24.96 -1.82
C ASP A 332 -2.26 25.63 -0.69
N GLN A 333 -2.53 26.92 -0.82
N GLN A 333 -2.52 26.92 -0.85
CA GLN A 333 -3.23 27.66 0.25
CA GLN A 333 -3.25 27.72 0.14
C GLN A 333 -4.63 27.14 0.61
C GLN A 333 -4.61 27.17 0.57
N ASP A 334 -5.32 26.52 -0.35
CA ASP A 334 -6.66 25.96 -0.06
C ASP A 334 -6.65 24.48 0.33
N GLY A 335 -5.47 23.92 0.55
CA GLY A 335 -5.33 22.57 1.04
C GLY A 335 -5.28 21.50 -0.02
N ASN A 336 -5.23 21.89 -1.29
CA ASN A 336 -5.13 20.92 -2.39
C ASN A 336 -3.71 20.36 -2.50
N ALA A 337 -3.62 19.11 -2.94
CA ALA A 337 -2.35 18.39 -3.12
C ALA A 337 -2.05 18.28 -4.61
N PRO A 338 -1.20 19.18 -5.13
CA PRO A 338 -0.86 19.08 -6.57
C PRO A 338 -0.02 17.86 -6.96
N LEU A 339 0.74 17.33 -6.01
CA LEU A 339 1.58 16.16 -6.25
C LEU A 339 0.96 15.03 -5.42
N PHE A 340 1.72 14.44 -4.49
CA PHE A 340 1.21 13.31 -3.72
C PHE A 340 0.37 13.77 -2.54
N THR A 341 -0.57 12.92 -2.15
CA THR A 341 -1.53 13.23 -1.12
C THR A 341 -0.96 13.00 0.28
N ALA A 342 -0.37 11.85 0.51
CA ALA A 342 0.16 11.53 1.87
C ALA A 342 1.32 10.54 1.76
N GLU A 343 2.09 10.49 2.85
CA GLU A 343 3.29 9.69 2.98
C GLU A 343 3.15 8.68 4.09
N TRP A 344 3.56 7.45 3.87
CA TRP A 344 3.62 6.47 4.94
C TRP A 344 4.61 6.92 6.00
N ASN A 345 4.11 7.04 7.21
CA ASN A 345 4.90 7.55 8.35
C ASN A 345 5.33 6.38 9.22
N ASP A 346 6.30 5.61 8.74
CA ASP A 346 6.70 4.40 9.47
C ASP A 346 7.29 4.74 10.84
N ASP A 347 7.79 5.97 11.01
CA ASP A 347 8.27 6.35 12.35
C ASP A 347 7.22 6.12 13.43
N PHE A 348 5.94 6.35 13.16
CA PHE A 348 4.90 6.11 14.14
C PHE A 348 4.88 4.65 14.54
N HIS A 349 4.72 3.75 13.57
CA HIS A 349 4.74 2.34 13.88
C HIS A 349 5.98 1.91 14.61
N ASN A 350 7.12 2.39 14.11
CA ASN A 350 8.40 1.90 14.63
C ASN A 350 8.62 2.36 16.07
N ALA A 351 8.24 3.58 16.38
CA ALA A 351 8.27 4.06 17.77
C ALA A 351 7.29 3.28 18.63
N VAL A 352 6.06 3.06 18.13
CA VAL A 352 5.07 2.27 18.88
C VAL A 352 5.58 0.88 19.18
N HIS A 353 6.21 0.24 18.19
CA HIS A 353 6.67 -1.11 18.34
C HIS A 353 7.71 -1.21 19.47
N VAL A 354 8.70 -0.32 19.45
CA VAL A 354 9.71 -0.32 20.52
C VAL A 354 9.07 -0.02 21.88
N PHE A 355 8.23 1.00 21.91
CA PHE A 355 7.48 1.43 23.10
C PHE A 355 6.69 0.26 23.72
N ALA A 356 6.04 -0.54 22.88
CA ALA A 356 5.12 -1.57 23.35
C ALA A 356 5.67 -2.97 23.47
N THR A 357 6.78 -3.28 22.80
CA THR A 357 7.34 -4.62 22.80
C THR A 357 8.76 -4.72 23.37
N GLY A 358 9.46 -3.59 23.45
CA GLY A 358 10.88 -3.58 23.87
C GLY A 358 11.89 -4.06 22.83
N GLU A 359 11.44 -4.47 21.65
CA GLU A 359 12.38 -4.90 20.62
C GLU A 359 13.13 -3.69 20.08
N THR A 360 14.43 -3.80 19.87
CA THR A 360 15.26 -2.67 19.44
C THR A 360 16.25 -3.06 18.34
N GLN A 361 16.06 -4.23 17.73
CA GLN A 361 16.96 -4.73 16.70
C GLN A 361 16.78 -4.04 15.37
N ALA A 362 17.86 -3.99 14.59
CA ALA A 362 17.81 -3.50 13.21
C ALA A 362 17.25 -2.11 13.15
N TYR A 363 16.30 -1.87 12.25
CA TYR A 363 15.72 -0.53 12.10
C TYR A 363 15.01 0.03 13.34
N TYR A 364 14.60 -0.84 14.24
CA TYR A 364 14.01 -0.40 15.48
C TYR A 364 15.02 0.26 16.37
N ASN A 365 16.30 0.02 16.13
CA ASN A 365 17.29 0.62 17.02
C ASN A 365 17.28 2.15 16.99
N ASP A 366 16.81 2.74 15.90
CA ASP A 366 16.69 4.19 15.80
C ASP A 366 15.67 4.79 16.80
N PHE A 367 14.89 3.91 17.42
CA PHE A 367 13.87 4.34 18.37
C PHE A 367 14.12 3.80 19.78
N ALA A 368 15.28 3.18 19.98
CA ALA A 368 15.61 2.50 21.27
C ALA A 368 15.79 3.44 22.44
N ASP A 369 16.32 4.62 22.14
N ASP A 369 16.34 4.62 22.18
CA ASP A 369 16.53 5.68 23.12
CA ASP A 369 16.55 5.60 23.24
C ASP A 369 15.21 6.42 23.31
C ASP A 369 15.31 6.48 23.39
N ALA A 370 14.56 6.25 24.45
CA ALA A 370 13.37 7.00 24.76
C ALA A 370 12.32 6.87 23.65
N PRO A 371 11.83 5.64 23.42
CA PRO A 371 10.82 5.45 22.37
C PRO A 371 9.59 6.33 22.60
N GLU A 372 9.25 6.60 23.86
CA GLU A 372 8.12 7.49 24.15
C GLU A 372 8.31 8.89 23.55
N LYS A 373 9.55 9.41 23.57
CA LYS A 373 9.81 10.71 22.99
C LYS A 373 9.62 10.70 21.46
N HIS A 374 10.11 9.65 20.83
CA HIS A 374 9.93 9.50 19.37
C HIS A 374 8.44 9.39 19.01
N LEU A 375 7.72 8.58 19.78
CA LEU A 375 6.28 8.36 19.57
C LEU A 375 5.52 9.69 19.70
N ALA A 376 5.75 10.42 20.80
CA ALA A 376 5.08 11.66 21.00
C ALA A 376 5.38 12.66 19.91
N ARG A 377 6.65 12.73 19.50
CA ARG A 377 7.03 13.63 18.42
C ARG A 377 6.34 13.26 17.10
N ALA A 378 6.28 11.97 16.79
CA ALA A 378 5.60 11.52 15.56
C ALA A 378 4.13 11.92 15.61
N LEU A 379 3.47 11.65 16.73
CA LEU A 379 2.05 12.02 16.85
C LEU A 379 1.83 13.52 16.66
N ALA A 380 2.64 14.32 17.33
CA ALA A 380 2.49 15.74 17.28
C ALA A 380 2.90 16.42 15.97
N GLU A 381 4.02 15.97 15.38
CA GLU A 381 4.67 16.69 14.29
C GLU A 381 4.76 15.97 12.95
N GLY A 382 4.45 14.69 12.93
CA GLY A 382 4.58 13.86 11.73
C GLY A 382 5.74 12.90 11.90
N PHE A 383 6.93 13.35 11.57
CA PHE A 383 8.10 12.51 11.64
C PHE A 383 8.83 12.55 12.99
N ALA A 384 9.32 11.41 13.44
CA ALA A 384 10.24 11.39 14.61
C ALA A 384 11.62 11.89 14.22
N TYR A 385 12.04 11.56 12.99
CA TYR A 385 13.34 12.01 12.46
C TYR A 385 13.12 13.13 11.45
N GLN A 386 13.57 14.33 11.78
CA GLN A 386 13.40 15.49 10.95
C GLN A 386 14.76 16.15 10.70
N GLY A 387 15.78 15.34 10.55
CA GLY A 387 17.13 15.86 10.26
C GLY A 387 18.22 15.32 11.17
N GLU A 388 17.83 14.66 12.24
CA GLU A 388 18.77 14.08 13.20
C GLU A 388 19.50 12.90 12.60
N ILE A 389 20.70 12.59 13.11
CA ILE A 389 21.45 11.46 12.63
C ILE A 389 20.73 10.17 13.02
N SER A 390 20.56 9.28 12.06
CA SER A 390 20.02 7.95 12.29
C SER A 390 21.14 7.04 12.80
N PRO A 391 20.98 6.44 13.98
CA PRO A 391 22.02 5.48 14.42
C PRO A 391 22.29 4.37 13.40
N GLN A 392 21.25 3.88 12.75
CA GLN A 392 21.40 2.82 11.78
C GLN A 392 22.15 3.21 10.50
N THR A 393 22.06 4.46 10.05
CA THR A 393 22.74 4.83 8.81
C THR A 393 23.97 5.68 9.02
N GLY A 394 24.07 6.33 10.17
CA GLY A 394 25.16 7.27 10.41
C GLY A 394 25.05 8.57 9.62
N GLU A 395 23.86 8.81 9.06
CA GLU A 395 23.59 9.98 8.25
C GLU A 395 22.36 10.72 8.78
N PRO A 396 22.26 12.03 8.55
CA PRO A 396 21.03 12.76 8.84
C PRO A 396 19.85 12.08 8.15
N ARG A 397 18.73 12.04 8.85
CA ARG A 397 17.51 11.47 8.29
C ARG A 397 16.34 12.41 8.47
N GLY A 398 15.77 12.83 7.37
CA GLY A 398 14.53 13.63 7.41
C GLY A 398 14.69 15.12 7.32
N VAL A 399 13.55 15.79 7.27
CA VAL A 399 13.44 17.23 7.20
C VAL A 399 12.28 17.68 8.13
N LYS A 400 12.26 18.97 8.47
CA LYS A 400 11.18 19.52 9.26
C LYS A 400 9.83 19.21 8.63
N SER A 401 8.92 18.67 9.43
CA SER A 401 7.60 18.19 8.95
C SER A 401 6.43 18.87 9.59
N THR A 402 6.69 19.82 10.49
CA THR A 402 5.65 20.46 11.26
C THR A 402 4.74 21.36 10.43
N GLY A 403 5.17 21.77 9.24
CA GLY A 403 4.35 22.59 8.38
C GLY A 403 3.35 21.79 7.53
N GLN A 404 3.47 20.46 7.57
CA GLN A 404 2.55 19.61 6.81
C GLN A 404 1.24 19.44 7.56
N PRO A 405 0.12 19.33 6.85
CA PRO A 405 -1.15 19.06 7.54
C PRO A 405 -1.13 17.66 8.10
N PRO A 406 -1.88 17.38 9.14
CA PRO A 406 -1.87 16.05 9.71
C PRO A 406 -2.29 14.95 8.70
N VAL A 407 -3.14 15.31 7.74
CA VAL A 407 -3.60 14.30 6.80
C VAL A 407 -2.53 13.92 5.76
N ALA A 408 -1.38 14.58 5.78
CA ALA A 408 -0.30 14.22 4.84
C ALA A 408 0.54 13.04 5.33
N PHE A 409 0.14 12.47 6.47
CA PHE A 409 0.80 11.31 7.06
C PHE A 409 -0.16 10.15 7.21
N VAL A 410 0.27 8.96 6.77
CA VAL A 410 -0.46 7.72 6.99
C VAL A 410 0.27 6.95 8.09
N ASP A 411 -0.41 6.73 9.21
CA ASP A 411 0.12 6.01 10.34
C ASP A 411 -0.53 4.63 10.47
N PHE A 412 0.13 3.73 11.17
CA PHE A 412 -0.33 2.37 11.32
C PHE A 412 0.39 1.71 12.47
N ILE A 413 -0.27 0.77 13.14
CA ILE A 413 0.39 -0.13 14.08
C ILE A 413 0.69 -1.50 13.46
N GLN A 414 0.11 -1.80 12.28
CA GLN A 414 0.35 -3.03 11.54
C GLN A 414 0.22 -2.78 10.05
N ASN A 415 1.02 -3.48 9.26
CA ASN A 415 0.86 -3.56 7.82
C ASN A 415 1.57 -4.82 7.35
N HIS A 416 1.50 -5.09 6.05
CA HIS A 416 2.06 -6.34 5.52
C HIS A 416 3.55 -6.50 5.83
N ASP A 417 4.31 -5.40 5.84
N ASP A 417 4.26 -5.38 5.89
CA ASP A 417 5.76 -5.48 6.11
CA ASP A 417 5.70 -5.33 6.07
C ASP A 417 6.04 -5.62 7.61
C ASP A 417 6.10 -5.50 7.54
N GLN A 418 5.42 -4.79 8.44
CA GLN A 418 5.73 -4.85 9.88
C GLN A 418 5.34 -6.15 10.49
N VAL A 419 4.43 -6.87 9.86
CA VAL A 419 4.08 -8.22 10.27
C VAL A 419 4.92 -9.23 9.51
N GLY A 420 4.88 -9.17 8.18
CA GLY A 420 5.54 -10.18 7.36
C GLY A 420 7.04 -10.18 7.22
N ASN A 421 7.70 -9.06 7.53
CA ASN A 421 9.17 -9.05 7.45
C ASN A 421 9.83 -9.82 8.61
N ARG A 422 9.01 -10.29 9.55
CA ARG A 422 9.50 -11.07 10.70
C ARG A 422 9.61 -12.53 10.28
N ALA A 423 10.56 -13.23 10.86
CA ALA A 423 10.73 -14.65 10.52
C ALA A 423 9.44 -15.46 10.65
N GLN A 424 8.70 -15.26 11.72
CA GLN A 424 7.45 -15.97 11.95
C GLN A 424 6.20 -15.12 11.76
N GLY A 425 6.32 -14.00 11.08
CA GLY A 425 5.14 -13.20 10.70
C GLY A 425 4.25 -12.75 11.82
N ASP A 426 4.83 -12.42 12.97
CA ASP A 426 4.04 -12.17 14.14
C ASP A 426 3.27 -10.84 14.10
N ARG A 427 1.98 -10.93 14.37
CA ARG A 427 1.14 -9.77 14.54
C ARG A 427 1.41 -9.13 15.92
N LEU A 428 1.17 -7.84 15.99
CA LEU A 428 1.45 -7.06 17.22
C LEU A 428 0.72 -7.61 18.42
N ILE A 429 -0.50 -8.09 18.24
CA ILE A 429 -1.27 -8.61 19.36
C ILE A 429 -0.53 -9.74 20.06
N THR A 430 0.21 -10.55 19.33
CA THR A 430 0.96 -11.67 19.90
C THR A 430 2.23 -11.21 20.63
N LEU A 431 2.71 -9.99 20.34
CA LEU A 431 3.95 -9.46 20.93
C LEU A 431 3.67 -8.51 22.09
N ALA A 432 2.58 -7.77 22.00
CA ALA A 432 2.24 -6.75 23.01
C ALA A 432 1.14 -7.20 23.95
N GLY A 433 0.37 -8.22 23.55
CA GLY A 433 -0.79 -8.69 24.30
C GLY A 433 -2.03 -7.88 23.93
N ALA A 434 -3.19 -8.45 24.22
CA ALA A 434 -4.47 -7.86 23.87
C ALA A 434 -4.76 -6.50 24.48
N GLU A 435 -4.52 -6.35 25.78
CA GLU A 435 -4.86 -5.09 26.45
C GLU A 435 -4.05 -3.92 25.91
N ARG A 436 -2.74 -4.13 25.77
CA ARG A 436 -1.87 -3.09 25.21
C ARG A 436 -2.26 -2.80 23.73
N THR A 437 -2.58 -3.83 22.97
CA THR A 437 -2.95 -3.64 21.56
C THR A 437 -4.24 -2.82 21.44
N LYS A 438 -5.18 -3.03 22.37
CA LYS A 438 -6.40 -2.25 22.37
C LYS A 438 -6.13 -0.76 22.53
N VAL A 439 -5.24 -0.38 23.47
CA VAL A 439 -5.01 1.05 23.65
C VAL A 439 -4.21 1.68 22.49
N LEU A 440 -3.33 0.90 21.90
CA LEU A 440 -2.59 1.35 20.71
C LEU A 440 -3.52 1.52 19.50
N LEU A 441 -4.45 0.60 19.32
CA LEU A 441 -5.43 0.71 18.24
C LEU A 441 -6.29 1.95 18.41
N ALA A 442 -6.74 2.22 19.63
CA ALA A 442 -7.52 3.38 19.89
C ALA A 442 -6.73 4.67 19.67
N THR A 443 -5.45 4.65 20.06
CA THR A 443 -4.57 5.76 19.83
C THR A 443 -4.52 6.08 18.31
N LEU A 444 -4.26 5.03 17.53
CA LEU A 444 -4.18 5.18 16.06
C LEU A 444 -5.47 5.76 15.48
N LEU A 445 -6.59 5.21 15.92
CA LEU A 445 -7.86 5.52 15.29
C LEU A 445 -8.43 6.86 15.69
N LEU A 446 -8.00 7.42 16.82
CA LEU A 446 -8.47 8.73 17.24
C LEU A 446 -7.46 9.86 17.03
N SER A 447 -6.32 9.53 16.43
N SER A 447 -6.28 9.57 16.49
CA SER A 447 -5.26 10.49 16.11
CA SER A 447 -5.30 10.64 16.27
C SER A 447 -5.59 11.25 14.82
C SER A 447 -5.48 11.21 14.86
N PRO A 448 -5.05 12.46 14.64
CA PRO A 448 -5.34 13.19 13.42
C PRO A 448 -4.69 12.69 12.15
N HIS A 449 -3.65 11.88 12.23
CA HIS A 449 -3.08 11.32 11.01
C HIS A 449 -4.03 10.33 10.41
N ILE A 450 -3.88 10.06 9.11
CA ILE A 450 -4.77 9.10 8.45
C ILE A 450 -4.38 7.69 8.87
N PRO A 451 -5.28 6.88 9.45
CA PRO A 451 -4.95 5.57 9.92
C PRO A 451 -5.07 4.50 8.84
N LEU A 452 -4.16 3.55 8.87
CA LEU A 452 -4.22 2.35 8.05
C LEU A 452 -4.24 1.13 8.97
N LEU A 453 -5.18 0.23 8.73
CA LEU A 453 -5.32 -1.02 9.42
C LEU A 453 -4.89 -2.16 8.53
N PHE A 454 -4.26 -3.18 9.10
CA PHE A 454 -3.94 -4.40 8.34
C PHE A 454 -5.07 -5.39 8.50
N MET A 455 -5.51 -5.98 7.39
CA MET A 455 -6.63 -6.91 7.44
C MET A 455 -6.52 -7.88 8.60
N GLY A 456 -7.62 -8.01 9.34
CA GLY A 456 -7.67 -8.91 10.51
C GLY A 456 -7.56 -8.19 11.83
N GLU A 457 -6.92 -7.02 11.90
CA GLU A 457 -6.81 -6.31 13.19
C GLU A 457 -8.14 -6.03 13.79
N GLU A 458 -9.13 -5.78 12.95
CA GLU A 458 -10.43 -5.33 13.40
C GLU A 458 -11.14 -6.35 14.31
N TYR A 459 -10.83 -7.63 14.19
CA TYR A 459 -11.43 -8.68 15.05
C TYR A 459 -10.38 -9.37 15.90
N GLY A 460 -9.18 -8.79 16.00
CA GLY A 460 -8.14 -9.39 16.82
C GLY A 460 -7.47 -10.62 16.24
N GLU A 461 -7.35 -10.69 14.92
CA GLU A 461 -6.66 -11.83 14.30
C GLU A 461 -5.28 -12.04 14.91
N SER A 462 -4.94 -13.29 15.20
CA SER A 462 -3.62 -13.65 15.72
C SER A 462 -2.81 -14.53 14.80
N ARG A 463 -3.39 -15.04 13.71
CA ARG A 463 -2.61 -15.79 12.75
C ARG A 463 -1.51 -14.93 12.18
N PRO A 464 -0.35 -15.52 11.90
CA PRO A 464 0.70 -14.74 11.30
C PRO A 464 0.36 -14.30 9.88
N PHE A 465 1.11 -13.32 9.39
CA PHE A 465 1.11 -13.05 7.93
C PHE A 465 2.55 -13.30 7.49
N LEU A 466 2.78 -14.48 6.90
CA LEU A 466 4.12 -14.91 6.54
C LEU A 466 4.50 -14.50 5.12
N PHE A 467 5.79 -14.47 4.85
CA PHE A 467 6.31 -14.27 3.54
C PHE A 467 6.14 -15.58 2.77
N PHE A 468 5.32 -15.54 1.72
CA PHE A 468 5.08 -16.68 0.84
C PHE A 468 5.25 -16.29 -0.64
N THR A 469 5.69 -17.28 -1.41
CA THR A 469 5.92 -17.25 -2.83
C THR A 469 5.51 -18.59 -3.44
N ASP A 470 5.69 -18.75 -4.75
CA ASP A 470 5.35 -20.02 -5.44
C ASP A 470 6.25 -20.19 -6.64
N PHE A 471 7.52 -20.39 -6.35
CA PHE A 471 8.55 -20.58 -7.35
C PHE A 471 9.01 -22.03 -7.35
N HIS A 472 9.83 -22.34 -8.35
CA HIS A 472 10.31 -23.68 -8.55
C HIS A 472 11.78 -23.63 -8.91
N GLY A 473 12.40 -24.81 -8.89
CA GLY A 473 13.80 -24.92 -9.26
C GLY A 473 14.78 -24.11 -8.48
N ASP A 474 15.79 -23.58 -9.17
CA ASP A 474 16.81 -22.78 -8.53
C ASP A 474 16.24 -21.53 -7.88
N LEU A 475 15.25 -20.95 -8.55
CA LEU A 475 14.65 -19.75 -8.02
C LEU A 475 14.00 -20.02 -6.66
N ALA A 476 13.26 -21.12 -6.54
CA ALA A 476 12.66 -21.48 -5.26
C ALA A 476 13.72 -21.57 -4.16
N ARG A 477 14.83 -22.27 -4.46
CA ARG A 477 15.91 -22.44 -3.53
C ARG A 477 16.57 -21.11 -3.18
N ALA A 478 16.80 -20.27 -4.19
CA ALA A 478 17.43 -18.96 -3.96
C ALA A 478 16.57 -18.06 -3.07
N VAL A 479 15.26 -18.10 -3.31
CA VAL A 479 14.32 -17.30 -2.53
C VAL A 479 14.25 -17.80 -1.09
N ARG A 480 14.20 -19.12 -0.91
N ARG A 480 14.19 -19.11 -0.91
CA ARG A 480 14.14 -19.75 0.41
CA ARG A 480 14.14 -19.70 0.41
C ARG A 480 15.39 -19.50 1.27
C ARG A 480 15.40 -19.32 1.21
N GLU A 481 16.56 -19.63 0.66
CA GLU A 481 17.81 -19.39 1.37
C GLU A 481 18.11 -17.88 1.51
N GLY A 482 17.67 -17.08 0.55
CA GLY A 482 17.81 -15.62 0.63
C GLY A 482 17.00 -15.10 1.81
N ARG A 483 15.86 -15.74 2.06
CA ARG A 483 15.00 -15.39 3.20
C ARG A 483 15.65 -15.83 4.50
N ALA A 484 16.14 -17.07 4.54
CA ALA A 484 16.78 -17.61 5.74
C ALA A 484 17.97 -16.75 6.16
N LYS A 485 18.73 -16.27 5.16
CA LYS A 485 19.91 -15.42 5.38
C LYS A 485 19.59 -14.08 6.03
N GLU A 486 18.38 -13.57 5.82
CA GLU A 486 17.96 -12.33 6.50
C GLU A 486 17.89 -12.54 8.01
N PHE A 487 17.78 -13.80 8.46
CA PHE A 487 17.67 -14.14 9.88
C PHE A 487 18.80 -15.05 10.38
N ALA A 488 19.89 -15.10 9.63
CA ALA A 488 21.07 -15.91 9.98
C ALA A 488 21.66 -15.46 11.33
N ASP A 489 21.61 -14.16 11.61
CA ASP A 489 22.10 -13.62 12.89
C ASP A 489 21.17 -13.94 14.06
N HIS A 490 20.00 -14.52 13.79
CA HIS A 490 19.09 -14.94 14.84
C HIS A 490 19.16 -16.45 15.05
N ALA A 491 20.27 -17.05 14.60
CA ALA A 491 20.51 -18.50 14.69
C ALA A 491 19.72 -19.14 15.85
N GLY A 492 18.85 -20.08 15.46
CA GLY A 492 17.85 -20.68 16.35
C GLY A 492 16.52 -20.60 15.61
N GLU A 493 16.41 -19.61 14.75
CA GLU A 493 15.25 -19.43 13.92
C GLU A 493 15.06 -20.54 12.92
N ASN A 494 13.82 -20.77 12.55
CA ASN A 494 13.48 -21.77 11.56
C ASN A 494 12.41 -21.11 10.69
N VAL A 495 12.88 -20.38 9.68
CA VAL A 495 12.01 -19.59 8.81
C VAL A 495 11.20 -20.53 7.94
N PRO A 496 9.88 -20.31 7.90
CA PRO A 496 9.05 -21.18 7.05
C PRO A 496 9.41 -21.03 5.59
N ASP A 497 9.45 -22.11 4.85
CA ASP A 497 9.79 -22.05 3.44
C ASP A 497 8.74 -21.19 2.73
N PRO A 498 9.19 -20.09 2.09
CA PRO A 498 8.19 -19.26 1.44
C PRO A 498 7.39 -19.98 0.36
N ASN A 499 8.00 -20.94 -0.31
CA ASN A 499 7.33 -21.68 -1.38
C ASN A 499 6.34 -22.75 -0.92
N ALA A 500 6.34 -23.11 0.35
CA ALA A 500 5.47 -24.17 0.86
C ALA A 500 4.05 -23.68 0.92
N PRO A 501 3.10 -24.46 0.37
CA PRO A 501 1.69 -24.05 0.47
C PRO A 501 1.24 -23.75 1.91
N GLU A 502 1.76 -24.45 2.92
N GLU A 502 1.79 -24.47 2.87
CA GLU A 502 1.30 -24.18 4.28
CA GLU A 502 1.45 -24.29 4.26
C GLU A 502 1.68 -22.81 4.77
C GLU A 502 1.69 -22.86 4.73
N THR A 503 2.77 -22.26 4.25
CA THR A 503 3.14 -20.89 4.62
C THR A 503 2.04 -19.89 4.23
N PHE A 504 1.45 -20.10 3.07
CA PHE A 504 0.32 -19.35 2.56
C PHE A 504 -0.95 -19.66 3.34
N GLN A 505 -1.25 -20.94 3.54
N GLN A 505 -1.22 -20.95 3.52
CA GLN A 505 -2.48 -21.31 4.27
CA GLN A 505 -2.41 -21.42 4.24
C GLN A 505 -2.48 -20.81 5.70
C GLN A 505 -2.47 -20.87 5.67
N ARG A 506 -1.32 -20.83 6.34
CA ARG A 506 -1.22 -20.31 7.73
C ARG A 506 -1.53 -18.81 7.83
N SER A 507 -1.43 -18.11 6.70
CA SER A 507 -1.61 -16.66 6.64
C SER A 507 -3.03 -16.23 6.28
N LYS A 508 -3.89 -17.19 5.94
CA LYS A 508 -5.27 -16.92 5.60
C LYS A 508 -6.01 -16.32 6.79
N LEU A 509 -6.81 -15.29 6.59
CA LEU A 509 -7.62 -14.77 7.67
C LEU A 509 -8.57 -15.87 8.16
N ASN A 510 -8.79 -15.87 9.48
CA ASN A 510 -9.64 -16.84 10.14
C ASN A 510 -10.98 -16.23 10.34
N TRP A 511 -11.87 -16.45 9.37
CA TRP A 511 -13.19 -15.89 9.46
C TRP A 511 -14.02 -16.56 10.59
N LYS A 512 -13.62 -17.73 11.07
CA LYS A 512 -14.30 -18.35 12.25
C LYS A 512 -14.10 -17.43 13.46
N GLN A 513 -12.88 -16.92 13.61
N GLN A 513 -12.88 -16.92 13.63
CA GLN A 513 -12.53 -16.03 14.70
CA GLN A 513 -12.59 -16.04 14.75
C GLN A 513 -13.35 -14.77 14.57
C GLN A 513 -13.37 -14.76 14.57
N GLN A 514 -13.42 -14.28 13.33
CA GLN A 514 -14.16 -13.08 13.00
C GLN A 514 -15.60 -13.23 13.49
N HIS A 515 -16.18 -14.42 13.32
CA HIS A 515 -17.54 -14.71 13.78
C HIS A 515 -17.63 -15.09 15.26
N SER A 516 -16.50 -15.37 15.92
CA SER A 516 -16.53 -15.77 17.33
C SER A 516 -16.97 -14.63 18.25
N GLU A 517 -17.24 -14.95 19.51
CA GLU A 517 -17.68 -13.94 20.48
C GLU A 517 -16.54 -12.97 20.80
N GLU A 518 -15.33 -13.50 20.94
CA GLU A 518 -14.14 -12.70 21.22
C GLU A 518 -13.81 -11.77 20.04
N GLY A 519 -14.04 -12.28 18.83
CA GLY A 519 -13.88 -11.49 17.62
C GLY A 519 -14.94 -10.41 17.55
N LYS A 520 -16.18 -10.76 17.93
CA LYS A 520 -17.25 -9.74 17.91
C LYS A 520 -16.98 -8.61 18.92
N ALA A 521 -16.27 -8.91 20.00
CA ALA A 521 -15.85 -7.90 20.99
C ALA A 521 -14.82 -6.92 20.37
N TRP A 522 -13.83 -7.48 19.69
CA TRP A 522 -12.86 -6.65 18.98
C TRP A 522 -13.55 -5.80 17.92
N LEU A 523 -14.48 -6.41 17.17
CA LEU A 523 -15.21 -5.70 16.13
C LEU A 523 -16.02 -4.55 16.66
N ALA A 524 -16.67 -4.78 17.79
CA ALA A 524 -17.46 -3.76 18.42
C ALA A 524 -16.58 -2.59 18.88
N PHE A 525 -15.38 -2.91 19.40
CA PHE A 525 -14.39 -1.91 19.83
C PHE A 525 -13.94 -1.07 18.63
N THR A 526 -13.54 -1.77 17.56
CA THR A 526 -13.09 -1.09 16.36
C THR A 526 -14.19 -0.21 15.75
N ARG A 527 -15.40 -0.76 15.65
CA ARG A 527 -16.54 -0.03 15.12
C ARG A 527 -16.82 1.26 15.89
N GLU A 528 -16.79 1.19 17.22
N GLU A 528 -16.77 1.16 17.22
CA GLU A 528 -17.04 2.37 18.02
CA GLU A 528 -17.01 2.31 18.07
C GLU A 528 -15.96 3.43 17.78
C GLU A 528 -15.96 3.39 17.81
N LEU A 529 -14.70 2.99 17.73
CA LEU A 529 -13.60 3.93 17.49
C LEU A 529 -13.75 4.71 16.17
N LEU A 530 -14.14 3.99 15.11
CA LEU A 530 -14.32 4.58 13.78
C LEU A 530 -15.51 5.54 13.76
N LEU A 531 -16.58 5.21 14.50
N LEU A 531 -16.56 5.20 14.51
CA LEU A 531 -17.73 6.12 14.61
CA LEU A 531 -17.73 6.06 14.62
C LEU A 531 -17.29 7.41 15.29
C LEU A 531 -17.32 7.37 15.31
N LEU A 532 -16.57 7.26 16.40
CA LEU A 532 -16.05 8.39 17.11
C LEU A 532 -15.11 9.22 16.24
N ARG A 533 -14.24 8.53 15.48
CA ARG A 533 -13.37 9.24 14.56
C ARG A 533 -14.13 10.11 13.55
N GLN A 534 -15.12 9.54 12.86
N GLN A 534 -15.11 9.50 12.89
CA GLN A 534 -15.84 10.32 11.86
CA GLN A 534 -15.92 10.18 11.90
C GLN A 534 -16.68 11.43 12.50
C GLN A 534 -16.68 11.36 12.49
N LYS A 535 -17.20 11.16 13.69
CA LYS A 535 -18.04 12.17 14.36
C LYS A 535 -17.25 13.34 14.91
N HIS A 536 -16.09 13.06 15.52
CA HIS A 536 -15.35 14.10 16.25
C HIS A 536 -14.01 14.54 15.71
N ILE A 537 -13.29 13.64 15.06
CA ILE A 537 -11.92 13.92 14.62
C ILE A 537 -11.91 14.45 13.19
N VAL A 538 -12.55 13.69 12.30
CA VAL A 538 -12.57 14.09 10.88
C VAL A 538 -13.01 15.54 10.63
N PRO A 539 -14.03 16.05 11.35
CA PRO A 539 -14.40 17.44 11.11
C PRO A 539 -13.36 18.51 11.43
N LEU A 540 -12.35 18.17 12.24
CA LEU A 540 -11.26 19.05 12.55
C LEU A 540 -10.18 19.10 11.48
N LEU A 541 -10.16 18.09 10.60
CA LEU A 541 -9.00 17.94 9.74
C LEU A 541 -8.93 18.84 8.52
N SER A 542 -10.06 19.22 7.94
CA SER A 542 -9.97 20.02 6.70
C SER A 542 -9.31 21.39 6.91
N ALA A 543 -9.64 22.06 8.01
CA ALA A 543 -9.08 23.38 8.28
C ALA A 543 -7.67 23.36 8.82
N ALA A 544 -7.12 22.17 9.14
CA ALA A 544 -5.77 22.07 9.72
C ALA A 544 -4.70 22.13 8.62
N ARG A 545 -4.05 23.28 8.49
N ARG A 545 -4.08 23.28 8.46
CA ARG A 545 -3.06 23.48 7.44
CA ARG A 545 -3.07 23.46 7.42
C ARG A 545 -1.62 23.16 7.88
C ARG A 545 -1.66 23.01 7.85
N GLU A 546 -1.42 22.91 9.16
CA GLU A 546 -0.11 22.53 9.68
C GLU A 546 -0.29 21.49 10.78
N SER A 547 0.82 20.95 11.25
CA SER A 547 0.81 19.93 12.29
C SER A 547 -0.11 20.33 13.46
N SER A 548 0.12 21.56 13.99
CA SER A 548 -0.52 22.17 15.18
C SER A 548 -0.37 21.32 16.46
N GLY A 549 0.53 20.35 16.44
CA GLY A 549 0.70 19.43 17.54
C GLY A 549 1.83 19.79 18.47
N THR A 550 1.60 19.50 19.76
N THR A 550 1.64 19.52 19.75
CA THR A 550 2.52 19.79 20.86
CA THR A 550 2.70 19.75 20.73
C THR A 550 2.71 18.53 21.73
C THR A 550 2.72 18.61 21.74
N VAL A 551 3.93 18.25 22.16
CA VAL A 551 4.14 17.20 23.16
C VAL A 551 3.96 17.87 24.53
N LEU A 552 3.01 17.38 25.32
CA LEU A 552 2.78 17.93 26.66
C LEU A 552 3.76 17.33 27.65
N GLN A 553 3.83 16.00 27.72
CA GLN A 553 4.75 15.32 28.59
C GLN A 553 5.01 13.93 28.06
N THR A 554 6.16 13.38 28.44
CA THR A 554 6.42 11.95 28.25
C THR A 554 7.20 11.43 29.45
N ALA A 555 7.15 10.14 29.65
CA ALA A 555 7.90 9.41 30.68
C ALA A 555 7.92 7.96 30.20
N PRO A 556 8.73 7.09 30.79
CA PRO A 556 8.69 5.69 30.32
C PRO A 556 7.26 5.13 30.30
N GLY A 557 6.82 4.62 29.16
CA GLY A 557 5.51 4.06 29.01
C GLY A 557 4.37 5.04 28.97
N PHE A 558 4.67 6.34 28.84
CA PHE A 558 3.64 7.38 28.94
C PHE A 558 3.85 8.53 27.97
N ILE A 559 2.80 8.89 27.24
CA ILE A 559 2.83 10.06 26.39
C ILE A 559 1.57 10.90 26.55
N ALA A 560 1.68 12.19 26.36
CA ALA A 560 0.55 13.09 26.35
C ALA A 560 0.82 14.16 25.29
N VAL A 561 -0.13 14.32 24.35
N VAL A 561 -0.10 14.32 24.33
CA VAL A 561 0.00 15.20 23.21
CA VAL A 561 0.05 15.28 23.24
C VAL A 561 -1.27 16.03 23.01
C VAL A 561 -1.25 16.03 23.02
N SER A 562 -1.14 17.21 22.42
CA SER A 562 -2.28 18.06 22.11
C SER A 562 -2.16 18.64 20.71
N TRP A 563 -3.27 18.76 20.01
CA TRP A 563 -3.29 19.41 18.70
C TRP A 563 -4.28 20.56 18.78
N ARG A 564 -3.80 21.73 18.39
N ARG A 564 -3.84 21.75 18.41
CA ARG A 564 -4.58 22.98 18.40
CA ARG A 564 -4.68 22.96 18.50
C ARG A 564 -5.04 23.25 16.98
C ARG A 564 -5.14 23.43 17.12
N PHE A 565 -6.28 22.87 16.68
CA PHE A 565 -6.86 23.12 15.36
C PHE A 565 -7.89 24.25 15.40
N PRO A 566 -8.19 24.85 14.25
CA PRO A 566 -9.21 25.90 14.23
C PRO A 566 -10.55 25.49 14.82
N GLY A 567 -10.93 24.22 14.68
CA GLY A 567 -12.20 23.70 15.16
C GLY A 567 -12.20 23.12 16.58
N GLY A 568 -11.04 23.10 17.22
CA GLY A 568 -10.99 22.54 18.56
C GLY A 568 -9.60 22.08 18.96
N THR A 569 -9.43 21.84 20.25
CA THR A 569 -8.15 21.34 20.79
C THR A 569 -8.33 19.91 21.21
N LEU A 570 -7.64 19.03 20.48
CA LEU A 570 -7.69 17.61 20.69
C LEU A 570 -6.52 17.19 21.55
N SER A 571 -6.73 16.37 22.57
CA SER A 571 -5.65 15.94 23.47
C SER A 571 -5.73 14.44 23.64
N LEU A 572 -4.58 13.80 23.76
CA LEU A 572 -4.48 12.38 23.93
C LEU A 572 -3.40 12.04 24.94
N ALA A 573 -3.71 11.14 25.87
CA ALA A 573 -2.70 10.60 26.76
C ALA A 573 -2.83 9.11 26.87
N LEU A 574 -1.69 8.43 26.86
CA LEU A 574 -1.61 6.98 26.85
C LEU A 574 -0.59 6.51 27.86
N ASN A 575 -0.94 5.50 28.65
CA ASN A 575 -0.09 4.93 29.68
C ASN A 575 -0.06 3.42 29.52
N ILE A 576 1.07 2.87 29.09
CA ILE A 576 1.19 1.42 29.02
C ILE A 576 2.02 0.82 30.15
N SER A 577 2.42 1.66 31.11
CA SER A 577 3.18 1.19 32.27
C SER A 577 2.28 0.40 33.23
N ALA A 578 2.89 -0.25 34.20
CA ALA A 578 2.17 -1.07 35.19
C ALA A 578 1.59 -0.26 36.35
N THR A 579 1.80 1.07 36.34
CA THR A 579 1.26 1.92 37.42
C THR A 579 0.59 3.18 36.90
N THR A 580 -0.29 3.72 37.73
CA THR A 580 -1.00 4.94 37.44
C THR A 580 -0.02 6.12 37.27
N VAL A 581 -0.34 7.04 36.35
CA VAL A 581 0.41 8.29 36.18
C VAL A 581 -0.50 9.48 36.34
N LEU A 582 0.04 10.58 36.86
CA LEU A 582 -0.67 11.83 36.92
C LEU A 582 -0.64 12.52 35.55
N LEU A 583 -1.75 13.17 35.20
CA LEU A 583 -1.87 13.82 33.88
C LEU A 583 -1.75 15.35 33.91
N PRO A 584 -1.31 15.96 32.79
CA PRO A 584 -1.42 17.40 32.66
C PRO A 584 -2.90 17.70 32.51
N ASP A 585 -3.25 18.98 32.47
N ASP A 585 -3.33 18.94 32.74
CA ASP A 585 -4.60 19.38 32.17
CA ASP A 585 -4.75 19.23 32.71
C ASP A 585 -4.85 18.99 30.70
C ASP A 585 -5.23 19.43 31.28
N LEU A 586 -6.02 18.38 30.45
N LEU A 586 -5.75 18.34 30.72
CA LEU A 586 -6.40 18.02 29.09
CA LEU A 586 -6.23 18.30 29.35
C LEU A 586 -7.78 18.62 28.92
C LEU A 586 -7.63 18.88 29.27
N PRO A 587 -7.85 19.85 28.36
CA PRO A 587 -9.15 20.51 28.29
C PRO A 587 -10.23 19.81 27.48
N GLY A 588 -11.47 20.15 27.79
CA GLY A 588 -12.63 19.71 27.02
C GLY A 588 -13.26 18.44 27.50
N LYS A 589 -14.19 17.96 26.70
CA LYS A 589 -14.97 16.79 27.05
C LYS A 589 -14.26 15.51 26.64
N THR A 590 -14.55 14.42 27.34
N THR A 590 -14.52 14.44 27.36
CA THR A 590 -13.94 13.11 27.10
CA THR A 590 -13.93 13.18 27.02
C THR A 590 -14.53 12.30 25.93
C THR A 590 -14.61 12.66 25.77
N LEU A 591 -13.82 12.30 24.80
N LEU A 591 -13.77 12.20 24.83
CA LEU A 591 -14.29 11.55 23.63
CA LEU A 591 -14.26 11.56 23.61
C LEU A 591 -14.22 10.04 23.85
C LEU A 591 -14.19 10.05 23.79
N PHE A 592 -13.15 9.58 24.49
CA PHE A 592 -12.94 8.18 24.70
C PHE A 592 -12.00 7.99 25.90
N ALA A 593 -12.36 7.07 26.78
CA ALA A 593 -11.56 6.76 27.94
C ALA A 593 -11.63 5.26 28.09
N TRP A 594 -10.49 4.59 28.11
N TRP A 594 -10.50 4.60 28.14
CA TRP A 594 -10.45 3.13 28.16
CA TRP A 594 -10.51 3.16 28.19
C TRP A 594 -9.31 2.64 29.02
C TRP A 594 -9.33 2.64 29.01
N PRO A 595 -9.57 1.68 29.92
CA PRO A 595 -10.89 1.06 30.21
C PRO A 595 -11.84 1.93 31.01
N ASN A 596 -11.28 2.85 31.80
CA ASN A 596 -12.06 3.73 32.65
C ASN A 596 -11.52 5.14 32.54
N GLU A 597 -12.27 6.11 33.05
CA GLU A 597 -11.79 7.47 33.15
C GLU A 597 -11.50 7.75 34.63
N SER A 598 -10.37 8.38 34.87
CA SER A 598 -9.97 8.83 36.18
C SER A 598 -9.74 10.32 36.06
N THR A 599 -9.96 11.05 37.15
CA THR A 599 -9.75 12.48 37.12
C THR A 599 -8.32 12.79 37.50
N GLY A 600 -7.60 13.49 36.62
CA GLY A 600 -6.23 13.93 36.85
C GLY A 600 -5.18 12.83 36.81
N SER A 601 -5.59 11.63 36.43
CA SER A 601 -4.69 10.49 36.38
C SER A 601 -5.09 9.53 35.26
N LEU A 602 -4.19 8.60 34.97
CA LEU A 602 -4.39 7.59 33.97
C LEU A 602 -3.90 6.27 34.54
N SER A 603 -4.80 5.31 34.69
CA SER A 603 -4.43 4.01 35.22
C SER A 603 -3.54 3.22 34.28
N GLN A 604 -2.96 2.16 34.82
CA GLN A 604 -2.13 1.29 34.01
C GLN A 604 -2.90 0.82 32.77
N HIS A 605 -2.20 0.71 31.66
CA HIS A 605 -2.76 0.13 30.44
C HIS A 605 -4.05 0.88 29.99
N SER A 606 -3.99 2.21 29.96
CA SER A 606 -5.14 3.06 29.67
C SER A 606 -4.86 4.23 28.70
N LEU A 607 -5.95 4.78 28.16
CA LEU A 607 -5.92 5.90 27.28
C LEU A 607 -7.07 6.85 27.56
N ILE A 608 -6.85 8.12 27.29
CA ILE A 608 -7.88 9.12 27.36
C ILE A 608 -7.70 10.08 26.17
N VAL A 609 -8.80 10.43 25.51
CA VAL A 609 -8.83 11.39 24.42
C VAL A 609 -9.89 12.42 24.73
N ARG A 610 -9.52 13.69 24.65
N ARG A 610 -9.52 13.70 24.67
CA ARG A 610 -10.40 14.82 24.95
CA ARG A 610 -10.44 14.80 24.96
C ARG A 610 -10.46 15.81 23.80
C ARG A 610 -10.46 15.82 23.83
N LEU A 611 -11.54 16.57 23.74
CA LEU A 611 -11.69 17.59 22.73
C LEU A 611 -12.37 18.80 23.33
N ALA A 612 -11.70 19.94 23.24
CA ALA A 612 -12.22 21.19 23.73
C ALA A 612 -12.66 22.02 22.53
N GLN A 613 -13.91 22.48 22.54
N GLN A 613 -13.96 22.35 22.48
CA GLN A 613 -14.41 23.35 21.46
CA GLN A 613 -14.51 23.11 21.36
C GLN A 613 -15.10 24.59 22.04
C GLN A 613 -15.75 23.88 21.79
MG MG B . 7.70 7.16 4.85
MG MG C . 27.42 11.91 6.50
MG MG D . 11.92 0.53 2.23
MG MG E . -19.17 6.47 7.10
MG MG F . -17.88 -2.58 -26.55
MG MG G . -9.41 19.21 0.03
CL CL H . -2.26 -6.89 15.91
CL CL I . -9.63 15.14 -1.20
CL CL J . 10.67 4.62 7.06
CL CL K . -7.05 14.60 -5.24
C1 BTB L . 11.01 -5.36 -2.04
O1 BTB L . 10.62 -6.72 -2.32
C2 BTB L . 9.92 -4.53 -1.35
C3 BTB L . 10.26 -3.04 -1.32
O3 BTB L . 9.29 -2.28 -0.58
C4 BTB L . 8.64 -4.64 -2.13
O4 BTB L . 8.78 -4.16 -3.48
N BTB L . 9.71 -4.96 0.07
C5 BTB L . 11.00 -5.04 0.82
C6 BTB L . 10.83 -4.57 2.26
O6 BTB L . 10.37 -3.22 2.28
C7 BTB L . 9.03 -6.27 0.22
C8 BTB L . 7.52 -6.14 0.38
O8 BTB L . 7.22 -5.31 1.47
O1 PG4 M . 3.54 -8.35 27.53
C1 PG4 M . 3.93 -7.08 26.99
C2 PG4 M . 5.43 -7.08 26.71
O2 PG4 M . 5.99 -5.82 27.10
C3 PG4 M . 7.42 -5.78 27.04
C4 PG4 M . 7.89 -4.35 26.77
O3 PG4 M . 7.28 -3.45 27.69
C5 PG4 M . 7.73 -2.10 27.56
C6 PG4 M . 6.63 -1.13 27.95
O4 PG4 M . 6.57 -0.98 29.38
C7 PG4 M . 6.43 0.38 29.81
C8 PG4 M . 7.79 1.08 29.81
O5 PG4 M . 8.12 1.51 31.14
O1 PG4 N . 12.61 11.50 -5.03
C1 PG4 N . 12.65 12.59 -5.95
C2 PG4 N . 12.84 13.93 -5.25
O2 PG4 N . 12.46 14.97 -6.16
C3 PG4 N . 12.58 16.28 -5.60
C4 PG4 N . 11.74 17.25 -6.41
O3 PG4 N . 10.82 17.94 -5.54
C5 PG4 N . 9.49 18.08 -6.04
C6 PG4 N . 9.13 19.55 -6.18
O4 PG4 N . 8.29 19.74 -7.34
C7 PG4 N . 8.79 20.73 -8.23
C8 PG4 N . 7.83 20.89 -9.41
O5 PG4 N . 8.47 20.50 -10.63
C1 PGE O . -17.16 -6.24 -29.93
O1 PGE O . -18.20 -6.34 -28.96
C2 PGE O . -15.80 -6.23 -29.28
O2 PGE O . -15.35 -4.88 -29.09
C3 PGE O . -14.01 -4.61 -29.49
C4 PGE O . -13.55 -3.34 -28.78
O4 PGE O . -12.71 0.61 -27.35
C6 PGE O . -12.67 -0.39 -28.38
C5 PGE O . -14.06 -1.00 -28.58
O3 PGE O . -14.00 -2.15 -29.44
#